data_3MYU
#
_entry.id   3MYU
#
_cell.length_a   49.279
_cell.length_b   90.366
_cell.length_c   175.363
_cell.angle_alpha   90.00
_cell.angle_beta   90.00
_cell.angle_gamma   90.00
#
_symmetry.space_group_name_H-M   'P 21 21 21'
#
loop_
_entity.id
_entity.type
_entity.pdbx_description
1 polymer 'High affinity transport system protein p37'
2 non-polymer 3-(4-AMINO-2-METHYL-PYRIMIDIN-5-YLMETHYL)-5-(2-HYDROXY-ETHYL)-4-METHYL-THIAZOL-3-IUM
3 non-polymer 'ACETATE ION'
4 water water
#
_entity_poly.entity_id   1
_entity_poly.type   'polypeptide(L)'
_entity_poly.pdbx_seq_one_letter_code
;MCATKSDNTLIFNISLDHNADTSIEKFFTVFSKKLSGKLNKKINVNFNIVDDSFTKINNIQANKADFAFVNSQAIASNNW
FGYTPLIQTLTTAFKEDLELDYYEDGNLQKKAEKTNLLFLSPPYKEWDDIKQKWTGNRYDFLYEPSKLVSFYRSMILITG
SASEITAIKKAWNEKNWNQFMKFGIGHGQTNSASRFELPDLLFRKHFAKNYPGLQNAINSDPDKFAVVRGREIGINKNIK
IVFDDANSFSWTQNIKGSKRPFYTPIDPNDRLEILTYSDPLLYDIGIVSNNLSRIYQKAIGEIFIELAQSSEDLYGPSIG
YNGYKMINDFEKEVVEIIEKTYGK
;
_entity_poly.pdbx_strand_id   A,B
#
# COMPACT_ATOMS: atom_id res chain seq x y z
N ASN A 8 17.01 17.70 15.78
CA ASN A 8 16.03 16.96 15.00
C ASN A 8 16.58 16.55 13.63
N THR A 9 16.17 15.38 13.14
CA THR A 9 16.69 14.85 11.89
C THR A 9 15.69 13.98 11.13
N LEU A 10 15.60 14.20 9.82
CA LEU A 10 14.70 13.43 8.95
C LEU A 10 15.45 12.52 7.98
N ILE A 11 14.73 11.55 7.43
CA ILE A 11 15.30 10.59 6.48
C ILE A 11 14.44 10.51 5.23
N PHE A 12 15.02 10.85 4.09
CA PHE A 12 14.32 10.73 2.81
C PHE A 12 14.76 9.44 2.12
N ASN A 13 13.91 8.89 1.26
CA ASN A 13 14.36 7.85 0.33
C ASN A 13 14.44 8.44 -1.06
N ILE A 14 15.57 8.20 -1.73
CA ILE A 14 15.91 8.88 -2.97
C ILE A 14 16.46 7.90 -4.00
N SER A 15 16.08 8.09 -5.26
CA SER A 15 16.66 7.33 -6.37
C SER A 15 17.64 8.21 -7.13
N LEU A 16 18.76 7.65 -7.55
CA LEU A 16 19.76 8.40 -8.30
C LEU A 16 19.77 7.98 -9.76
N ASP A 17 19.70 8.96 -10.65
CA ASP A 17 19.89 8.72 -12.07
C ASP A 17 20.85 9.77 -12.63
N HIS A 18 21.40 9.50 -13.80
CA HIS A 18 22.38 10.40 -14.40
C HIS A 18 23.46 10.73 -13.37
N ASN A 19 23.76 12.00 -13.15
CA ASN A 19 24.83 12.33 -12.22
C ASN A 19 24.34 12.97 -10.92
N ALA A 20 23.19 12.50 -10.44
CA ALA A 20 22.62 12.98 -9.19
C ALA A 20 23.59 12.79 -8.03
N ASP A 21 24.30 11.66 -8.03
CA ASP A 21 25.17 11.28 -6.92
C ASP A 21 26.30 12.28 -6.68
N THR A 22 26.67 13.01 -7.72
CA THR A 22 27.76 13.98 -7.61
C THR A 22 27.31 15.23 -6.83
N SER A 23 26.00 15.47 -6.81
CA SER A 23 25.47 16.68 -6.18
C SER A 23 24.47 16.38 -5.06
N ILE A 24 24.27 15.11 -4.75
CA ILE A 24 23.21 14.69 -3.85
C ILE A 24 23.43 15.21 -2.42
N GLU A 25 24.67 15.18 -1.96
CA GLU A 25 24.99 15.62 -0.60
C GLU A 25 24.74 17.11 -0.44
N LYS A 26 25.17 17.88 -1.43
CA LYS A 26 25.00 19.32 -1.37
C LYS A 26 23.53 19.67 -1.45
N PHE A 27 22.78 18.92 -2.25
CA PHE A 27 21.34 19.16 -2.35
C PHE A 27 20.69 19.04 -0.98
N PHE A 28 21.14 18.07 -0.20
CA PHE A 28 20.55 17.85 1.10
C PHE A 28 21.10 18.83 2.13
N THR A 29 22.29 19.36 1.88
CA THR A 29 22.83 20.40 2.75
C THR A 29 21.98 21.64 2.58
N VAL A 30 21.67 21.95 1.32
CA VAL A 30 20.82 23.08 1.00
C VAL A 30 19.44 22.88 1.59
N PHE A 31 18.83 21.75 1.26
CA PHE A 31 17.48 21.44 1.70
C PHE A 31 17.38 21.58 3.23
N SER A 32 18.36 21.04 3.93
CA SER A 32 18.42 21.13 5.38
C SER A 32 18.43 22.58 5.81
N LYS A 33 19.27 23.38 5.16
CA LYS A 33 19.41 24.78 5.52
C LYS A 33 18.04 25.45 5.42
N LYS A 34 17.38 25.25 4.28
CA LYS A 34 16.15 25.95 3.99
C LYS A 34 15.04 25.49 4.93
N LEU A 35 15.04 24.20 5.25
CA LEU A 35 14.04 23.63 6.12
C LEU A 35 14.24 24.11 7.56
N SER A 36 15.49 24.33 7.95
CA SER A 36 15.79 24.83 9.28
C SER A 36 15.33 26.28 9.40
N GLY A 37 15.46 27.01 8.29
CA GLY A 37 15.01 28.39 8.23
C GLY A 37 13.50 28.50 8.37
N LYS A 38 12.79 27.70 7.59
CA LYS A 38 11.33 27.74 7.59
C LYS A 38 10.78 27.37 8.96
N LEU A 39 11.43 26.41 9.61
CA LEU A 39 10.87 25.81 10.82
C LEU A 39 11.49 26.37 12.10
N ASN A 40 12.40 27.33 11.98
CA ASN A 40 12.94 27.98 13.16
C ASN A 40 13.69 26.98 14.02
N LYS A 41 14.24 25.95 13.40
CA LYS A 41 14.87 24.88 14.16
C LYS A 41 16.04 24.31 13.39
N LYS A 42 17.03 23.78 14.11
CA LYS A 42 18.12 23.10 13.47
C LYS A 42 17.67 21.70 13.10
N ILE A 43 17.57 21.46 11.79
CA ILE A 43 17.09 20.18 11.28
C ILE A 43 18.04 19.67 10.21
N ASN A 44 18.50 18.43 10.37
CA ASN A 44 19.36 17.79 9.38
C ASN A 44 18.63 16.69 8.62
N VAL A 45 18.73 16.72 7.30
CA VAL A 45 18.06 15.74 6.46
C VAL A 45 19.07 14.81 5.81
N ASN A 46 19.02 13.54 6.23
CA ASN A 46 19.82 12.50 5.60
C ASN A 46 18.99 11.78 4.56
N PHE A 47 19.61 10.87 3.83
CA PHE A 47 18.87 10.09 2.85
C PHE A 47 19.40 8.67 2.76
N ASN A 48 18.54 7.80 2.27
CA ASN A 48 18.93 6.46 1.85
C ASN A 48 18.58 6.34 0.38
N ILE A 49 19.40 5.62 -0.39
CA ILE A 49 19.10 5.39 -1.78
C ILE A 49 18.19 4.18 -1.88
N VAL A 50 17.03 4.36 -2.51
CA VAL A 50 16.04 3.30 -2.70
C VAL A 50 15.43 3.47 -4.07
N ASP A 51 15.23 2.36 -4.80
CA ASP A 51 14.71 2.45 -6.16
C ASP A 51 13.21 2.16 -6.26
N ASP A 52 12.75 1.13 -5.55
CA ASP A 52 11.41 0.61 -5.77
C ASP A 52 10.37 1.33 -4.92
N SER A 53 9.28 1.76 -5.56
CA SER A 53 8.25 2.54 -4.88
C SER A 53 7.68 1.81 -3.68
N PHE A 54 7.49 0.49 -3.80
CA PHE A 54 6.86 -0.23 -2.71
C PHE A 54 7.77 -0.37 -1.50
N THR A 55 9.07 -0.38 -1.72
CA THR A 55 9.99 -0.35 -0.61
C THR A 55 9.92 1.01 0.08
N LYS A 56 9.92 2.07 -0.72
CA LYS A 56 9.82 3.43 -0.18
C LYS A 56 8.56 3.55 0.68
N ILE A 57 7.42 3.15 0.15
CA ILE A 57 6.15 3.25 0.85
C ILE A 57 6.23 2.45 2.14
N ASN A 58 6.75 1.24 2.06
CA ASN A 58 6.84 0.36 3.22
C ASN A 58 7.74 0.98 4.30
N ASN A 59 8.84 1.61 3.87
CA ASN A 59 9.73 2.29 4.80
C ASN A 59 8.99 3.39 5.57
N ILE A 60 8.21 4.19 4.85
CA ILE A 60 7.52 5.28 5.53
C ILE A 60 6.45 4.73 6.47
N GLN A 61 5.73 3.69 6.05
CA GLN A 61 4.70 3.10 6.89
C GLN A 61 5.32 2.43 8.11
N ALA A 62 6.59 2.07 7.99
CA ALA A 62 7.29 1.41 9.09
C ALA A 62 8.04 2.41 9.97
N ASN A 63 7.82 3.70 9.72
CA ASN A 63 8.50 4.77 10.46
CA ASN A 63 8.50 4.74 10.49
C ASN A 63 10.02 4.64 10.32
N LYS A 64 10.46 4.25 9.12
CA LYS A 64 11.87 4.17 8.79
C LYS A 64 12.28 5.28 7.81
N ALA A 65 11.31 5.99 7.26
CA ALA A 65 11.61 7.10 6.37
C ALA A 65 10.48 8.13 6.49
N ASP A 66 10.77 9.37 6.14
CA ASP A 66 9.83 10.46 6.31
C ASP A 66 9.24 10.95 5.01
N PHE A 67 9.96 10.78 3.91
CA PHE A 67 9.51 11.30 2.63
C PHE A 67 10.13 10.55 1.44
N ALA A 68 9.40 10.47 0.34
CA ALA A 68 9.91 9.84 -0.88
C ALA A 68 8.99 10.14 -2.06
N PHE A 69 9.56 10.06 -3.26
CA PHE A 69 8.79 10.08 -4.50
C PHE A 69 8.48 8.67 -4.97
N VAL A 70 7.23 8.41 -5.30
CA VAL A 70 6.79 7.07 -5.66
C VAL A 70 5.85 7.14 -6.86
N ASN A 71 5.66 5.99 -7.51
CA ASN A 71 4.79 5.92 -8.68
C ASN A 71 3.40 6.38 -8.28
N SER A 72 2.73 7.15 -9.13
CA SER A 72 1.45 7.73 -8.78
C SER A 72 0.39 6.64 -8.58
N GLN A 73 0.57 5.51 -9.25
CA GLN A 73 -0.45 4.45 -9.17
C GLN A 73 -0.19 3.48 -8.01
N ALA A 74 0.82 3.74 -7.19
CA ALA A 74 1.13 2.84 -6.07
C ALA A 74 0.53 3.28 -4.74
N ILE A 75 -0.13 4.45 -4.72
CA ILE A 75 -0.57 5.05 -3.45
C ILE A 75 -2.05 5.38 -3.39
N ALA A 76 -2.53 5.70 -2.19
CA ALA A 76 -3.88 6.22 -2.02
C ALA A 76 -3.81 7.36 -1.02
N SER A 77 -4.86 8.18 -0.98
CA SER A 77 -5.02 9.16 0.08
C SER A 77 -6.02 8.60 1.10
N ASN A 78 -5.51 8.17 2.25
CA ASN A 78 -6.29 7.39 3.19
C ASN A 78 -5.81 7.69 4.60
N ASN A 79 -6.74 8.10 5.45
CA ASN A 79 -6.44 8.48 6.83
C ASN A 79 -5.66 7.45 7.64
N TRP A 80 -5.68 6.18 7.21
CA TRP A 80 -5.13 5.09 8.01
C TRP A 80 -3.80 4.56 7.45
N PHE A 81 -3.29 5.16 6.38
CA PHE A 81 -2.14 4.59 5.66
C PHE A 81 -0.76 4.98 6.19
N GLY A 82 -0.70 5.99 7.04
CA GLY A 82 0.56 6.33 7.67
C GLY A 82 1.37 7.30 6.83
N TYR A 83 0.81 7.74 5.71
CA TYR A 83 1.46 8.75 4.88
C TYR A 83 0.40 9.57 4.18
N THR A 84 0.80 10.73 3.68
CA THR A 84 -0.09 11.63 2.96
C THR A 84 0.60 12.06 1.66
N PRO A 85 -0.12 11.99 0.53
CA PRO A 85 0.39 12.52 -0.73
C PRO A 85 0.54 14.02 -0.62
N LEU A 86 1.74 14.52 -0.89
CA LEU A 86 2.08 15.89 -0.57
C LEU A 86 2.23 16.74 -1.83
N ILE A 87 3.10 16.31 -2.74
CA ILE A 87 3.34 17.08 -3.96
C ILE A 87 3.33 16.23 -5.23
N GLN A 88 2.82 16.83 -6.30
CA GLN A 88 2.83 16.21 -7.63
C GLN A 88 4.12 16.64 -8.32
N THR A 89 4.94 15.73 -8.83
CA THR A 89 6.10 16.17 -9.60
C THR A 89 5.64 16.60 -10.99
N LEU A 90 6.38 17.50 -11.61
CA LEU A 90 6.08 17.97 -12.95
C LEU A 90 7.28 17.69 -13.83
N THR A 91 7.04 17.46 -15.12
CA THR A 91 8.11 17.19 -16.04
C THR A 91 7.95 18.07 -17.29
N THR A 92 9.04 18.34 -17.98
CA THR A 92 9.01 19.19 -19.16
C THR A 92 8.30 18.44 -20.27
N ALA A 93 7.29 19.07 -20.87
CA ALA A 93 6.53 18.43 -21.94
C ALA A 93 7.46 18.04 -23.08
N PHE A 94 7.13 16.95 -23.76
CA PHE A 94 7.73 16.64 -25.05
C PHE A 94 7.01 17.49 -26.09
N LYS A 95 7.69 17.78 -27.19
CA LYS A 95 7.15 18.67 -28.21
C LYS A 95 5.81 18.21 -28.78
N GLU A 96 5.66 16.91 -29.04
CA GLU A 96 4.46 16.44 -29.72
C GLU A 96 3.38 15.95 -28.77
N ASP A 97 3.46 16.36 -27.51
CA ASP A 97 2.56 15.83 -26.50
C ASP A 97 2.40 16.84 -25.35
N LEU A 98 1.81 17.99 -25.66
CA LEU A 98 1.66 19.07 -24.69
C LEU A 98 0.40 18.92 -23.84
N GLU A 99 -0.50 18.06 -24.28
CA GLU A 99 -1.85 18.02 -23.77
C GLU A 99 -2.22 16.59 -23.40
N LEU A 100 -2.95 16.44 -22.30
CA LEU A 100 -3.34 15.12 -21.84
C LEU A 100 -4.58 14.65 -22.61
N ASP A 101 -4.51 13.44 -23.14
CA ASP A 101 -5.66 12.83 -23.80
C ASP A 101 -5.50 11.31 -23.88
N TYR A 102 -6.51 10.63 -24.40
CA TYR A 102 -6.60 9.19 -24.28
C TYR A 102 -6.84 8.51 -25.61
N TYR A 103 -7.00 7.19 -25.57
CA TYR A 103 -7.19 6.40 -26.78
C TYR A 103 -8.41 6.85 -27.56
N GLU A 104 -9.46 7.26 -26.84
CA GLU A 104 -10.71 7.63 -27.47
C GLU A 104 -10.62 9.02 -28.05
N ASP A 105 -9.40 9.54 -28.17
CA ASP A 105 -9.18 10.84 -28.76
C ASP A 105 -8.43 10.72 -30.09
N GLY A 106 -8.02 9.49 -30.41
CA GLY A 106 -7.51 9.16 -31.73
C GLY A 106 -6.08 9.59 -32.01
N ASN A 107 -5.47 10.29 -31.06
CA ASN A 107 -4.19 10.94 -31.31
C ASN A 107 -2.97 10.15 -30.87
N LEU A 108 -3.17 8.97 -30.31
CA LEU A 108 -2.05 8.23 -29.74
C LEU A 108 -1.09 7.79 -30.84
N GLN A 109 -1.63 7.27 -31.93
CA GLN A 109 -0.79 6.80 -33.03
C GLN A 109 -0.17 7.99 -33.74
N LYS A 110 -0.98 9.02 -33.94
CA LYS A 110 -0.57 10.19 -34.69
C LYS A 110 0.44 11.03 -33.93
N LYS A 111 0.40 10.97 -32.59
CA LYS A 111 1.42 11.64 -31.80
C LYS A 111 2.74 10.89 -31.94
N ALA A 112 2.66 9.57 -32.00
CA ALA A 112 3.84 8.72 -32.22
C ALA A 112 4.47 8.99 -33.59
N GLU A 113 3.63 9.23 -34.59
CA GLU A 113 4.09 9.46 -35.95
C GLU A 113 4.87 10.77 -36.02
N LYS A 114 4.32 11.80 -35.39
CA LYS A 114 4.97 13.10 -35.37
C LYS A 114 6.32 12.98 -34.66
N THR A 115 6.34 12.23 -33.56
CA THR A 115 7.57 12.07 -32.80
C THR A 115 8.61 11.32 -33.63
N ASN A 116 8.14 10.39 -34.46
CA ASN A 116 9.06 9.65 -35.33
C ASN A 116 9.82 10.63 -36.23
N LEU A 117 9.12 11.66 -36.70
CA LEU A 117 9.75 12.63 -37.60
C LEU A 117 10.99 13.24 -36.94
N LEU A 118 10.86 13.61 -35.66
CA LEU A 118 11.94 14.26 -34.93
C LEU A 118 13.06 13.30 -34.57
N PHE A 119 12.70 12.04 -34.40
CA PHE A 119 13.56 11.08 -33.71
C PHE A 119 14.43 10.26 -34.66
N LEU A 120 13.93 10.02 -35.88
CA LEU A 120 14.61 9.13 -36.81
C LEU A 120 15.77 9.82 -37.53
N SER A 121 15.58 11.08 -37.90
CA SER A 121 16.57 11.81 -38.69
C SER A 121 17.05 13.08 -38.00
N PRO A 122 18.32 13.13 -37.60
CA PRO A 122 19.27 12.01 -37.71
C PRO A 122 18.89 10.89 -36.74
N PRO A 123 19.49 9.71 -36.92
CA PRO A 123 19.21 8.54 -36.08
C PRO A 123 19.91 8.63 -34.73
N TYR A 124 19.38 7.95 -33.72
CA TYR A 124 19.91 8.01 -32.35
C TYR A 124 21.42 7.79 -32.26
N LYS A 125 21.93 6.82 -33.00
CA LYS A 125 23.33 6.46 -32.89
C LYS A 125 24.28 7.59 -33.30
N GLU A 126 23.76 8.59 -34.01
CA GLU A 126 24.60 9.71 -34.44
C GLU A 126 24.42 10.92 -33.52
N TRP A 127 23.64 10.77 -32.47
CA TRP A 127 23.32 11.90 -31.60
C TRP A 127 24.55 12.40 -30.87
N ASP A 128 24.61 13.72 -30.73
CA ASP A 128 25.78 14.40 -30.20
C ASP A 128 25.34 15.31 -29.07
N ASP A 129 26.22 15.51 -28.09
CA ASP A 129 25.86 16.31 -26.93
C ASP A 129 25.54 17.75 -27.30
N ILE A 130 26.20 18.28 -28.32
CA ILE A 130 26.00 19.67 -28.71
C ILE A 130 24.85 19.82 -29.70
N LYS A 131 24.86 18.99 -30.73
CA LYS A 131 23.85 19.08 -31.79
C LYS A 131 22.46 18.73 -31.25
N GLN A 132 22.40 17.71 -30.41
CA GLN A 132 21.12 17.25 -29.88
C GLN A 132 20.82 17.87 -28.50
N LYS A 133 21.64 18.83 -28.10
CA LYS A 133 21.37 19.68 -26.94
C LYS A 133 21.19 18.89 -25.64
N TRP A 134 22.13 17.99 -25.37
CA TRP A 134 22.15 17.25 -24.11
C TRP A 134 22.35 18.21 -22.94
N THR A 135 21.44 18.16 -21.97
CA THR A 135 21.44 19.10 -20.86
C THR A 135 22.21 18.54 -19.67
N GLY A 136 22.63 17.29 -19.78
CA GLY A 136 23.19 16.55 -18.66
C GLY A 136 22.21 15.49 -18.21
N ASN A 137 20.95 15.63 -18.62
CA ASN A 137 19.89 14.71 -18.24
C ASN A 137 19.02 14.26 -19.41
N ARG A 138 19.01 15.05 -20.49
CA ARG A 138 18.09 14.84 -21.59
C ARG A 138 18.57 15.57 -22.85
N TYR A 139 18.09 15.13 -24.00
CA TYR A 139 18.33 15.81 -25.26
C TYR A 139 17.26 16.86 -25.47
N ASP A 140 17.64 18.12 -25.33
CA ASP A 140 16.68 19.20 -25.20
C ASP A 140 15.86 19.42 -26.45
N PHE A 141 16.32 18.89 -27.58
CA PHE A 141 15.63 19.14 -28.84
C PHE A 141 14.28 18.43 -28.91
N LEU A 142 13.98 17.62 -27.90
CA LEU A 142 12.75 16.84 -27.89
C LEU A 142 11.69 17.47 -26.99
N TYR A 143 12.07 18.52 -26.27
CA TYR A 143 11.21 19.08 -25.24
C TYR A 143 10.72 20.50 -25.58
N GLU A 144 9.70 20.92 -24.86
CA GLU A 144 9.23 22.30 -24.90
C GLU A 144 9.51 22.89 -23.52
N PRO A 145 10.75 23.35 -23.29
CA PRO A 145 11.20 23.82 -21.98
C PRO A 145 10.28 24.82 -21.29
N SER A 146 9.45 25.54 -22.04
CA SER A 146 8.57 26.54 -21.44
C SER A 146 7.27 25.92 -20.94
N LYS A 147 7.15 24.60 -21.01
CA LYS A 147 5.93 23.91 -20.66
C LYS A 147 6.20 22.74 -19.72
N LEU A 148 5.48 22.72 -18.60
CA LEU A 148 5.53 21.60 -17.67
C LEU A 148 4.19 20.86 -17.71
N VAL A 149 4.24 19.54 -17.63
CA VAL A 149 3.04 18.73 -17.55
C VAL A 149 3.19 17.77 -16.38
N SER A 150 2.07 17.19 -15.98
CA SER A 150 2.04 16.34 -14.81
C SER A 150 1.87 14.88 -15.22
N PHE A 151 1.95 14.59 -16.51
CA PHE A 151 1.70 13.21 -16.98
C PHE A 151 2.83 12.65 -17.84
N TYR A 152 2.81 11.33 -17.99
CA TYR A 152 3.68 10.64 -18.94
C TYR A 152 2.90 9.49 -19.55
N ARG A 153 3.53 8.80 -20.48
CA ARG A 153 2.89 7.66 -21.14
C ARG A 153 3.89 6.53 -21.33
N SER A 154 3.38 5.39 -21.76
CA SER A 154 4.19 4.30 -22.28
C SER A 154 4.28 4.48 -23.79
N MET A 155 5.24 3.81 -24.43
CA MET A 155 5.27 3.73 -25.88
C MET A 155 5.59 2.30 -26.30
N ILE A 156 5.21 1.97 -27.53
CA ILE A 156 5.52 0.67 -28.09
C ILE A 156 6.46 0.89 -29.27
N LEU A 157 7.71 0.47 -29.11
CA LEU A 157 8.71 0.52 -30.18
C LEU A 157 8.59 -0.73 -31.04
N ILE A 158 8.80 -0.59 -32.33
CA ILE A 158 8.87 -1.76 -33.23
C ILE A 158 10.13 -1.68 -34.10
N THR A 159 10.63 -2.84 -34.55
CA THR A 159 11.86 -2.88 -35.33
C THR A 159 11.85 -4.06 -36.30
N GLY A 160 12.74 -4.01 -37.29
CA GLY A 160 12.89 -5.10 -38.24
C GLY A 160 13.07 -4.61 -39.67
N SER A 161 13.19 -5.55 -40.61
CA SER A 161 13.24 -5.22 -42.03
C SER A 161 12.09 -4.31 -42.40
N ALA A 162 12.16 -3.70 -43.58
CA ALA A 162 11.14 -2.76 -44.01
C ALA A 162 9.80 -3.44 -44.23
N SER A 163 9.85 -4.71 -44.62
CA SER A 163 8.63 -5.46 -44.91
C SER A 163 7.99 -5.96 -43.62
N GLU A 164 8.84 -6.34 -42.67
CA GLU A 164 8.38 -6.73 -41.35
C GLU A 164 7.67 -5.57 -40.68
N ILE A 165 8.29 -4.40 -40.67
CA ILE A 165 7.68 -3.22 -40.07
C ILE A 165 6.31 -2.97 -40.69
N THR A 166 6.20 -3.23 -41.98
CA THR A 166 4.93 -3.04 -42.68
C THR A 166 3.90 -4.07 -42.23
N ALA A 167 4.38 -5.27 -41.92
CA ALA A 167 3.52 -6.35 -41.48
C ALA A 167 3.07 -6.14 -40.04
N ILE A 168 3.94 -5.52 -39.24
CA ILE A 168 3.61 -5.26 -37.84
C ILE A 168 2.51 -4.21 -37.78
N LYS A 169 2.70 -3.15 -38.55
CA LYS A 169 1.72 -2.07 -38.61
C LYS A 169 0.41 -2.58 -39.18
N LYS A 170 0.49 -3.44 -40.18
CA LYS A 170 -0.70 -3.99 -40.81
C LYS A 170 -1.51 -4.73 -39.75
N ALA A 171 -0.86 -5.63 -39.02
CA ALA A 171 -1.52 -6.40 -37.99
C ALA A 171 -2.18 -5.47 -36.97
N TRP A 172 -1.51 -4.38 -36.63
CA TRP A 172 -2.03 -3.45 -35.65
C TRP A 172 -3.31 -2.78 -36.13
N ASN A 173 -3.25 -2.19 -37.32
CA ASN A 173 -4.36 -1.41 -37.86
C ASN A 173 -5.58 -2.28 -38.13
N GLU A 174 -5.34 -3.56 -38.38
CA GLU A 174 -6.41 -4.50 -38.64
C GLU A 174 -6.95 -5.07 -37.34
N LYS A 175 -6.24 -4.81 -36.26
CA LYS A 175 -6.64 -5.25 -34.92
C LYS A 175 -6.66 -6.77 -34.84
N ASN A 176 -5.62 -7.39 -35.37
CA ASN A 176 -5.48 -8.84 -35.31
C ASN A 176 -4.46 -9.18 -34.24
N TRP A 177 -4.94 -9.55 -33.06
CA TRP A 177 -4.06 -9.75 -31.92
C TRP A 177 -3.06 -10.88 -32.10
N ASN A 178 -3.51 -12.05 -32.53
CA ASN A 178 -2.62 -13.20 -32.65
CA ASN A 178 -2.62 -13.20 -32.65
C ASN A 178 -1.54 -12.96 -33.70
N GLN A 179 -1.92 -12.29 -34.79
CA GLN A 179 -0.98 -11.92 -35.83
C GLN A 179 0.07 -10.96 -35.25
N PHE A 180 -0.40 -10.04 -34.42
CA PHE A 180 0.46 -9.01 -33.86
C PHE A 180 1.47 -9.61 -32.89
N MET A 181 1.00 -10.42 -31.96
CA MET A 181 1.84 -10.98 -30.93
C MET A 181 2.91 -11.92 -31.49
N LYS A 182 2.64 -12.50 -32.65
CA LYS A 182 3.54 -13.49 -33.24
C LYS A 182 4.90 -12.88 -33.64
N PHE A 183 5.00 -11.55 -33.63
CA PHE A 183 6.27 -10.89 -33.91
C PHE A 183 7.23 -10.83 -32.72
N GLY A 184 6.73 -11.12 -31.52
CA GLY A 184 7.59 -11.14 -30.35
C GLY A 184 7.49 -9.83 -29.59
N ILE A 185 7.14 -9.93 -28.31
CA ILE A 185 6.87 -8.77 -27.47
C ILE A 185 7.80 -8.75 -26.25
N GLY A 186 8.47 -7.62 -26.05
CA GLY A 186 9.43 -7.46 -24.97
C GLY A 186 8.82 -6.57 -23.93
N HIS A 187 8.85 -7.01 -22.68
CA HIS A 187 8.16 -6.29 -21.60
C HIS A 187 9.05 -6.17 -20.38
N GLY A 188 8.45 -5.70 -19.28
CA GLY A 188 9.15 -5.58 -18.02
C GLY A 188 8.43 -6.37 -16.94
N GLN A 189 8.60 -5.96 -15.69
CA GLN A 189 7.94 -6.63 -14.57
C GLN A 189 6.43 -6.39 -14.65
N THR A 190 5.66 -7.34 -14.14
CA THR A 190 4.21 -7.32 -14.28
C THR A 190 3.59 -6.14 -13.54
N ASN A 191 4.35 -5.52 -12.66
CA ASN A 191 3.87 -4.34 -11.92
C ASN A 191 4.43 -3.04 -12.46
N SER A 192 5.03 -3.10 -13.64
CA SER A 192 5.54 -1.89 -14.28
C SER A 192 4.41 -1.25 -15.08
N ALA A 193 4.15 0.03 -14.83
CA ALA A 193 3.16 0.74 -15.63
C ALA A 193 3.60 0.82 -17.10
N SER A 194 4.79 1.35 -17.34
CA SER A 194 5.21 1.59 -18.71
C SER A 194 5.54 0.31 -19.48
N ARG A 195 6.05 -0.69 -18.79
CA ARG A 195 6.59 -1.88 -19.43
C ARG A 195 5.65 -3.10 -19.31
N PHE A 196 4.43 -2.88 -18.81
CA PHE A 196 3.48 -3.96 -18.73
C PHE A 196 2.02 -3.52 -18.69
N GLU A 197 1.65 -2.73 -17.68
CA GLU A 197 0.25 -2.41 -17.41
C GLU A 197 -0.38 -1.46 -18.42
N LEU A 198 0.31 -0.39 -18.77
CA LEU A 198 -0.25 0.55 -19.74
C LEU A 198 -0.37 -0.10 -21.14
N PRO A 199 0.65 -0.82 -21.59
CA PRO A 199 0.49 -1.54 -22.85
C PRO A 199 -0.68 -2.53 -22.80
N ASP A 200 -0.75 -3.29 -21.70
CA ASP A 200 -1.84 -4.23 -21.45
C ASP A 200 -3.21 -3.54 -21.63
N LEU A 201 -3.38 -2.38 -21.01
CA LEU A 201 -4.65 -1.66 -21.07
C LEU A 201 -4.92 -1.15 -22.48
N LEU A 202 -3.88 -0.69 -23.13
CA LEU A 202 -4.02 -0.18 -24.49
C LEU A 202 -4.55 -1.28 -25.41
N PHE A 203 -4.05 -2.49 -25.25
CA PHE A 203 -4.46 -3.61 -26.09
C PHE A 203 -5.92 -3.97 -25.88
N ARG A 204 -6.36 -3.99 -24.63
CA ARG A 204 -7.76 -4.26 -24.33
C ARG A 204 -8.67 -3.27 -25.05
N LYS A 205 -8.21 -2.03 -25.14
CA LYS A 205 -8.99 -0.99 -25.80
C LYS A 205 -8.92 -1.11 -27.32
N HIS A 206 -7.79 -1.60 -27.81
CA HIS A 206 -7.50 -1.55 -29.25
C HIS A 206 -7.95 -2.83 -29.97
N PHE A 207 -7.78 -3.98 -29.33
CA PHE A 207 -7.91 -5.27 -29.99
C PHE A 207 -9.26 -5.96 -29.85
N ALA A 208 -10.01 -5.62 -28.79
CA ALA A 208 -11.36 -6.18 -28.60
C ALA A 208 -11.33 -7.65 -28.16
N LYS A 209 -12.39 -8.39 -28.51
CA LYS A 209 -12.60 -9.75 -28.01
C LYS A 209 -11.36 -10.63 -27.98
N ASN A 210 -10.72 -10.75 -29.14
CA ASN A 210 -9.58 -11.66 -29.31
C ASN A 210 -8.45 -11.44 -28.31
N TYR A 211 -8.55 -10.40 -27.49
CA TYR A 211 -7.48 -10.11 -26.54
C TYR A 211 -7.73 -10.78 -25.20
N PRO A 212 -6.82 -11.69 -24.78
CA PRO A 212 -7.00 -12.40 -23.51
C PRO A 212 -6.45 -11.68 -22.28
N GLY A 213 -5.71 -10.59 -22.49
CA GLY A 213 -4.95 -9.99 -21.41
C GLY A 213 -3.50 -10.42 -21.53
N LEU A 214 -2.58 -9.54 -21.16
CA LEU A 214 -1.17 -9.73 -21.46
C LEU A 214 -0.57 -10.91 -20.71
N GLN A 215 -0.83 -11.01 -19.41
CA GLN A 215 -0.32 -12.13 -18.64
C GLN A 215 -0.85 -13.46 -19.19
N ASN A 216 -2.14 -13.51 -19.53
CA ASN A 216 -2.74 -14.74 -20.06
C ASN A 216 -2.13 -15.11 -21.40
N ALA A 217 -1.75 -14.10 -22.17
CA ALA A 217 -1.10 -14.33 -23.45
C ALA A 217 0.29 -14.93 -23.20
N ILE A 218 1.00 -14.39 -22.21
CA ILE A 218 2.35 -14.86 -21.91
C ILE A 218 2.36 -16.31 -21.45
N ASN A 219 1.47 -16.62 -20.51
CA ASN A 219 1.28 -17.99 -20.05
C ASN A 219 0.93 -18.91 -21.22
N SER A 220 0.06 -18.43 -22.07
CA SER A 220 -0.47 -19.22 -23.18
C SER A 220 0.58 -19.46 -24.28
N ASP A 221 1.58 -18.58 -24.39
CA ASP A 221 2.61 -18.75 -25.42
C ASP A 221 3.91 -18.03 -25.06
N PRO A 222 4.65 -18.59 -24.09
CA PRO A 222 5.85 -17.99 -23.47
C PRO A 222 6.98 -17.63 -24.43
N ASP A 223 7.08 -18.33 -25.56
CA ASP A 223 8.17 -18.12 -26.48
C ASP A 223 8.03 -16.81 -27.24
N LYS A 224 6.81 -16.31 -27.33
CA LYS A 224 6.54 -15.07 -28.06
C LYS A 224 6.70 -13.81 -27.20
N PHE A 225 7.15 -14.00 -25.96
CA PHE A 225 7.37 -12.88 -25.05
C PHE A 225 8.70 -13.02 -24.33
N ALA A 226 9.29 -11.89 -23.95
CA ALA A 226 10.53 -11.91 -23.18
C ALA A 226 10.70 -10.58 -22.46
N VAL A 227 11.54 -10.56 -21.44
CA VAL A 227 11.86 -9.30 -20.78
C VAL A 227 12.96 -8.64 -21.61
N VAL A 228 12.63 -7.48 -22.16
CA VAL A 228 13.57 -6.72 -22.97
C VAL A 228 13.42 -5.24 -22.66
N ARG A 229 14.54 -4.54 -22.55
CA ARG A 229 14.51 -3.10 -22.36
C ARG A 229 14.37 -2.44 -23.73
N GLY A 230 13.64 -1.33 -23.76
CA GLY A 230 13.47 -0.58 -24.99
C GLY A 230 14.79 -0.20 -25.62
N ARG A 231 15.77 0.18 -24.80
CA ARG A 231 17.06 0.63 -25.34
C ARG A 231 17.83 -0.51 -25.97
N GLU A 232 17.39 -1.75 -25.71
CA GLU A 232 18.08 -2.92 -26.24
C GLU A 232 17.28 -3.65 -27.32
N ILE A 233 16.26 -2.99 -27.87
CA ILE A 233 15.43 -3.57 -28.90
C ILE A 233 16.29 -3.88 -30.13
N GLY A 234 15.97 -4.96 -30.84
CA GLY A 234 16.73 -5.36 -32.02
C GLY A 234 17.81 -6.37 -31.67
N ILE A 235 18.27 -6.33 -30.42
CA ILE A 235 19.36 -7.19 -29.97
C ILE A 235 18.91 -8.64 -29.97
N ASN A 236 17.69 -8.85 -29.50
CA ASN A 236 17.07 -10.16 -29.53
C ASN A 236 16.22 -10.23 -30.78
N LYS A 237 16.68 -10.94 -31.81
CA LYS A 237 15.78 -11.17 -32.92
C LYS A 237 14.62 -11.92 -32.28
N ASN A 238 13.59 -12.27 -33.04
CA ASN A 238 12.46 -12.95 -32.41
C ASN A 238 11.57 -12.07 -31.51
N ILE A 239 12.07 -10.92 -31.09
CA ILE A 239 11.23 -9.96 -30.36
C ILE A 239 11.36 -8.59 -31.03
N LYS A 240 10.36 -8.23 -31.82
CA LYS A 240 10.43 -7.02 -32.62
C LYS A 240 9.46 -5.93 -32.14
N ILE A 241 8.76 -6.19 -31.04
CA ILE A 241 7.86 -5.21 -30.43
C ILE A 241 8.27 -5.06 -28.96
N VAL A 242 8.53 -3.83 -28.52
CA VAL A 242 9.03 -3.62 -27.16
C VAL A 242 8.38 -2.43 -26.45
N PHE A 243 8.06 -2.62 -25.17
CA PHE A 243 7.43 -1.59 -24.36
C PHE A 243 8.50 -0.74 -23.66
N ASP A 244 8.23 0.55 -23.48
CA ASP A 244 9.13 1.38 -22.69
C ASP A 244 8.42 2.63 -22.17
N ASP A 245 9.05 3.35 -21.26
CA ASP A 245 8.63 4.71 -20.93
C ASP A 245 8.66 5.48 -22.25
N ALA A 246 7.61 6.26 -22.53
CA ALA A 246 7.56 7.03 -23.77
C ALA A 246 8.81 7.87 -23.94
N ASN A 247 9.38 7.80 -25.14
CA ASN A 247 10.53 8.61 -25.52
C ASN A 247 11.73 8.45 -24.58
N SER A 248 12.00 7.22 -24.17
CA SER A 248 13.10 6.94 -23.24
C SER A 248 14.47 7.36 -23.78
N PHE A 249 14.62 7.34 -25.10
CA PHE A 249 15.87 7.80 -25.72
C PHE A 249 16.21 9.25 -25.35
N SER A 250 15.19 10.03 -25.00
CA SER A 250 15.38 11.44 -24.66
C SER A 250 16.29 11.64 -23.45
N TRP A 251 16.27 10.71 -22.50
CA TRP A 251 17.12 10.86 -21.32
C TRP A 251 18.15 9.75 -21.24
N THR A 252 18.31 9.01 -22.32
CA THR A 252 19.29 7.94 -22.40
C THR A 252 20.45 8.41 -23.28
N GLN A 253 21.57 8.76 -22.65
CA GLN A 253 22.66 9.40 -23.38
C GLN A 253 23.35 8.45 -24.34
N ASN A 254 23.41 8.85 -25.60
CA ASN A 254 24.19 8.14 -26.61
C ASN A 254 25.67 8.44 -26.44
N ILE A 255 26.42 7.39 -26.11
CA ILE A 255 27.85 7.51 -25.83
C ILE A 255 28.64 6.48 -26.62
N LYS A 256 29.41 6.94 -27.60
CA LYS A 256 30.21 6.06 -28.42
C LYS A 256 31.24 5.32 -27.56
N ARG A 260 27.64 -1.91 -28.47
CA ARG A 260 26.97 -1.17 -29.53
C ARG A 260 26.02 -0.11 -28.99
N PRO A 261 25.73 0.91 -29.82
CA PRO A 261 24.72 1.95 -29.54
C PRO A 261 23.33 1.40 -29.18
N PHE A 262 22.58 2.20 -28.45
CA PHE A 262 21.22 1.85 -28.03
C PHE A 262 20.23 2.21 -29.11
N TYR A 263 19.02 1.64 -29.02
CA TYR A 263 17.93 2.01 -29.93
C TYR A 263 18.44 1.91 -31.36
N THR A 264 19.15 0.83 -31.64
CA THR A 264 19.84 0.66 -32.91
C THR A 264 19.78 -0.81 -33.33
N PRO A 265 19.07 -1.10 -34.43
CA PRO A 265 18.95 -2.48 -34.91
C PRO A 265 20.30 -3.04 -35.31
N ILE A 266 20.38 -4.36 -35.42
CA ILE A 266 21.60 -5.01 -35.89
C ILE A 266 21.56 -5.24 -37.39
N ASP A 267 20.90 -4.33 -38.10
CA ASP A 267 20.98 -4.25 -39.55
C ASP A 267 20.67 -2.82 -39.96
N PRO A 268 21.64 -2.14 -40.58
CA PRO A 268 21.47 -0.74 -40.97
C PRO A 268 20.26 -0.51 -41.87
N ASN A 269 19.82 -1.55 -42.56
CA ASN A 269 18.65 -1.45 -43.43
C ASN A 269 17.36 -1.54 -42.63
N ASP A 270 17.40 -2.30 -41.55
CA ASP A 270 16.28 -2.42 -40.63
C ASP A 270 15.87 -1.08 -40.07
N ARG A 271 14.57 -0.94 -39.80
CA ARG A 271 14.03 0.27 -39.23
C ARG A 271 13.79 0.12 -37.73
N LEU A 272 13.60 1.26 -37.08
CA LEU A 272 13.21 1.30 -35.68
C LEU A 272 12.34 2.53 -35.51
N GLU A 273 11.13 2.35 -35.03
CA GLU A 273 10.22 3.47 -34.86
C GLU A 273 9.19 3.25 -33.77
N ILE A 274 8.50 4.33 -33.40
CA ILE A 274 7.44 4.25 -32.42
C ILE A 274 6.13 3.93 -33.12
N LEU A 275 5.43 2.91 -32.65
CA LEU A 275 4.17 2.50 -33.24
C LEU A 275 3.03 3.38 -32.72
N THR A 276 2.93 3.51 -31.41
CA THR A 276 1.88 4.29 -30.77
C THR A 276 2.28 4.57 -29.33
N TYR A 277 1.64 5.57 -28.72
CA TYR A 277 1.78 5.80 -27.28
C TYR A 277 0.61 5.16 -26.53
N SER A 278 0.70 5.13 -25.20
CA SER A 278 -0.37 4.57 -24.38
C SER A 278 -1.18 5.70 -23.77
N ASP A 279 -2.21 5.34 -23.02
CA ASP A 279 -2.90 6.33 -22.18
C ASP A 279 -1.94 6.88 -21.13
N PRO A 280 -2.28 8.03 -20.54
CA PRO A 280 -1.36 8.73 -19.65
C PRO A 280 -1.48 8.29 -18.19
N LEU A 281 -0.41 8.49 -17.43
CA LEU A 281 -0.44 8.36 -15.97
C LEU A 281 0.20 9.61 -15.37
N LEU A 282 -0.12 9.92 -14.12
CA LEU A 282 0.50 11.06 -13.48
C LEU A 282 1.96 10.75 -13.17
N TYR A 283 2.82 11.77 -13.26
CA TYR A 283 4.22 11.63 -12.89
C TYR A 283 4.30 11.28 -11.40
N ASP A 284 5.51 10.99 -10.91
CA ASP A 284 5.67 10.54 -9.52
C ASP A 284 5.16 11.56 -8.50
N ILE A 285 4.81 11.07 -7.33
CA ILE A 285 4.25 11.90 -6.27
C ILE A 285 5.07 11.78 -5.01
N GLY A 286 5.41 12.91 -4.39
CA GLY A 286 6.04 12.90 -3.09
C GLY A 286 5.05 12.67 -1.97
N ILE A 287 5.28 11.59 -1.21
CA ILE A 287 4.46 11.26 -0.06
C ILE A 287 5.28 11.48 1.21
N VAL A 288 4.59 11.87 2.28
CA VAL A 288 5.23 12.26 3.53
C VAL A 288 4.62 11.50 4.71
N SER A 289 5.45 11.15 5.67
CA SER A 289 5.01 10.43 6.85
C SER A 289 3.98 11.19 7.67
N ASN A 290 2.97 10.49 8.17
CA ASN A 290 1.98 11.07 9.07
C ASN A 290 2.49 11.18 10.50
N ASN A 291 3.73 10.76 10.72
CA ASN A 291 4.36 10.94 12.02
C ASN A 291 4.82 12.38 12.16
N LEU A 292 4.85 13.12 11.05
CA LEU A 292 5.17 14.55 11.09
C LEU A 292 3.92 15.40 11.17
N SER A 293 3.98 16.48 11.95
CA SER A 293 2.89 17.44 12.03
C SER A 293 2.58 17.98 10.63
N ARG A 294 1.35 18.43 10.41
CA ARG A 294 0.96 18.98 9.12
C ARG A 294 1.87 20.14 8.72
N ILE A 295 2.42 20.83 9.71
CA ILE A 295 3.30 21.97 9.48
C ILE A 295 4.62 21.54 8.87
N TYR A 296 5.24 20.52 9.44
CA TYR A 296 6.46 19.95 8.88
C TYR A 296 6.19 19.46 7.46
N GLN A 297 5.06 18.78 7.26
CA GLN A 297 4.72 18.20 5.97
C GLN A 297 4.67 19.29 4.90
N LYS A 298 3.92 20.35 5.18
CA LYS A 298 3.77 21.44 4.22
C LYS A 298 5.12 22.11 3.96
N ALA A 299 5.96 22.19 4.98
CA ALA A 299 7.27 22.83 4.85
C ALA A 299 8.15 22.07 3.86
N ILE A 300 8.16 20.75 4.01
CA ILE A 300 8.93 19.90 3.10
C ILE A 300 8.49 20.16 1.67
N GLY A 301 7.18 20.13 1.45
CA GLY A 301 6.64 20.34 0.12
C GLY A 301 7.03 21.68 -0.47
N GLU A 302 6.94 22.74 0.34
CA GLU A 302 7.26 24.07 -0.13
C GLU A 302 8.71 24.20 -0.51
N ILE A 303 9.60 23.53 0.22
CA ILE A 303 11.01 23.65 -0.07
C ILE A 303 11.30 23.13 -1.47
N PHE A 304 10.65 22.04 -1.84
CA PHE A 304 10.80 21.49 -3.19
C PHE A 304 10.26 22.48 -4.24
N ILE A 305 9.07 23.00 -3.99
CA ILE A 305 8.41 23.91 -4.93
C ILE A 305 9.28 25.15 -5.14
N GLU A 306 9.86 25.64 -4.05
CA GLU A 306 10.65 26.87 -4.08
C GLU A 306 11.97 26.68 -4.81
N LEU A 307 12.60 25.52 -4.62
CA LEU A 307 13.85 25.26 -5.29
C LEU A 307 13.61 25.27 -6.79
N ALA A 308 12.50 24.69 -7.20
CA ALA A 308 12.18 24.62 -8.63
C ALA A 308 11.92 26.02 -9.17
N GLN A 309 11.17 26.81 -8.42
CA GLN A 309 10.79 28.14 -8.87
C GLN A 309 12.02 29.04 -9.04
N SER A 310 13.06 28.79 -8.24
CA SER A 310 14.29 29.59 -8.32
C SER A 310 15.39 28.88 -9.11
N SER A 311 15.05 27.75 -9.71
CA SER A 311 16.02 27.00 -10.50
C SER A 311 17.25 26.64 -9.68
N GLU A 312 17.04 26.40 -8.39
CA GLU A 312 18.09 25.94 -7.50
C GLU A 312 17.95 24.46 -7.15
N ASP A 313 17.09 23.75 -7.87
CA ASP A 313 16.87 22.33 -7.61
C ASP A 313 17.85 21.51 -8.42
N LEU A 314 18.85 20.95 -7.74
CA LEU A 314 19.90 20.23 -8.45
C LEU A 314 19.64 18.73 -8.48
N TYR A 315 18.56 18.28 -7.83
CA TYR A 315 18.20 16.87 -7.88
C TYR A 315 17.08 16.58 -8.87
N GLY A 316 15.96 17.26 -8.71
CA GLY A 316 14.77 17.02 -9.52
C GLY A 316 15.03 16.68 -10.97
N PRO A 317 15.65 17.61 -11.71
CA PRO A 317 15.87 17.45 -13.16
C PRO A 317 16.63 16.16 -13.52
N SER A 318 17.46 15.67 -12.62
CA SER A 318 18.24 14.47 -12.89
C SER A 318 17.36 13.24 -13.07
N ILE A 319 16.10 13.33 -12.66
CA ILE A 319 15.20 12.19 -12.75
C ILE A 319 13.89 12.58 -13.43
N GLY A 320 13.88 13.77 -14.04
CA GLY A 320 12.74 14.21 -14.79
C GLY A 320 11.76 15.05 -13.98
N TYR A 321 12.10 15.34 -12.72
CA TYR A 321 11.28 16.26 -11.93
C TYR A 321 11.76 17.68 -12.22
N ASN A 322 11.16 18.33 -13.22
CA ASN A 322 11.49 19.71 -13.57
C ASN A 322 10.60 20.75 -12.87
N GLY A 323 9.76 20.28 -11.95
CA GLY A 323 8.93 21.17 -11.16
C GLY A 323 8.09 20.37 -10.16
N TYR A 324 7.37 21.09 -9.31
CA TYR A 324 6.46 20.47 -8.34
C TYR A 324 5.26 21.35 -8.07
N LYS A 325 4.14 20.75 -7.69
CA LYS A 325 3.03 21.53 -7.17
C LYS A 325 2.34 20.78 -6.03
N MET A 326 1.68 21.51 -5.13
CA MET A 326 1.02 20.91 -4.00
C MET A 326 -0.20 20.14 -4.49
N ILE A 327 -0.52 19.02 -3.84
CA ILE A 327 -1.77 18.33 -4.10
C ILE A 327 -2.77 18.78 -3.03
N ASN A 328 -3.91 19.29 -3.46
CA ASN A 328 -4.95 19.80 -2.56
C ASN A 328 -6.22 18.94 -2.55
N ASP A 329 -6.47 18.22 -3.63
CA ASP A 329 -7.58 17.29 -3.71
C ASP A 329 -7.14 16.06 -4.50
N PHE A 330 -6.55 15.11 -3.80
CA PHE A 330 -6.00 13.92 -4.42
C PHE A 330 -7.00 13.18 -5.29
N GLU A 331 -8.25 13.14 -4.86
CA GLU A 331 -9.30 12.47 -5.62
C GLU A 331 -9.43 13.09 -7.01
N LYS A 332 -9.57 14.40 -7.05
CA LYS A 332 -9.78 15.10 -8.33
C LYS A 332 -8.50 15.19 -9.15
N GLU A 333 -7.37 15.46 -8.48
CA GLU A 333 -6.10 15.71 -9.16
C GLU A 333 -5.36 14.44 -9.54
N VAL A 334 -5.67 13.34 -8.87
CA VAL A 334 -4.96 12.08 -9.10
C VAL A 334 -5.91 10.95 -9.46
N VAL A 335 -6.74 10.53 -8.50
CA VAL A 335 -7.60 9.37 -8.69
C VAL A 335 -8.47 9.43 -9.94
N GLU A 336 -9.11 10.56 -10.21
CA GLU A 336 -10.01 10.64 -11.36
C GLU A 336 -9.25 10.58 -12.67
N ILE A 337 -8.01 11.06 -12.65
CA ILE A 337 -7.15 10.95 -13.83
C ILE A 337 -6.79 9.50 -14.06
N ILE A 338 -6.34 8.82 -13.02
CA ILE A 338 -5.89 7.44 -13.16
C ILE A 338 -7.06 6.57 -13.57
N GLU A 339 -8.26 6.92 -13.11
CA GLU A 339 -9.44 6.13 -13.41
C GLU A 339 -9.78 6.10 -14.89
N LYS A 340 -9.42 7.16 -15.61
CA LYS A 340 -9.74 7.21 -17.03
C LYS A 340 -8.80 6.32 -17.82
N THR A 341 -7.61 6.08 -17.28
CA THR A 341 -6.64 5.21 -17.93
C THR A 341 -6.85 3.76 -17.55
N TYR A 342 -7.15 3.51 -16.27
CA TYR A 342 -7.27 2.15 -15.76
C TYR A 342 -8.73 1.69 -15.65
N GLY A 343 -9.66 2.62 -15.84
CA GLY A 343 -11.06 2.35 -15.59
C GLY A 343 -11.43 2.57 -14.13
N ASN B 8 5.25 -25.60 -10.17
CA ASN B 8 4.62 -24.30 -10.01
C ASN B 8 4.45 -23.94 -8.54
N THR B 9 4.71 -22.68 -8.20
CA THR B 9 4.85 -22.29 -6.80
C THR B 9 4.20 -20.95 -6.49
N LEU B 10 3.47 -20.90 -5.39
CA LEU B 10 2.90 -19.64 -4.94
C LEU B 10 3.50 -19.36 -3.56
N ILE B 11 3.49 -18.11 -3.13
CA ILE B 11 4.03 -17.74 -1.83
C ILE B 11 3.00 -16.94 -1.08
N PHE B 12 2.60 -17.43 0.08
CA PHE B 12 1.68 -16.71 0.94
C PHE B 12 2.50 -16.02 2.04
N ASN B 13 1.97 -14.94 2.61
CA ASN B 13 2.53 -14.40 3.83
C ASN B 13 1.54 -14.81 4.94
N ILE B 14 2.02 -15.33 6.06
CA ILE B 14 1.10 -15.68 7.14
C ILE B 14 1.71 -15.34 8.47
N SER B 15 0.86 -15.18 9.48
CA SER B 15 1.30 -14.87 10.84
C SER B 15 0.98 -16.07 11.69
N LEU B 16 1.86 -16.37 12.65
CA LEU B 16 1.74 -17.57 13.48
C LEU B 16 1.49 -17.21 14.97
N ASP B 17 0.36 -17.65 15.51
CA ASP B 17 0.03 -17.46 16.93
C ASP B 17 -0.39 -18.82 17.49
N HIS B 18 -0.40 -18.94 18.82
CA HIS B 18 -0.89 -20.16 19.47
C HIS B 18 -0.41 -21.49 18.89
N ASN B 19 0.88 -21.69 18.72
CA ASN B 19 1.33 -23.00 18.25
C ASN B 19 0.85 -23.38 16.83
N ALA B 20 0.43 -22.40 16.06
CA ALA B 20 0.15 -22.63 14.64
C ALA B 20 1.38 -23.27 13.99
N ASP B 21 2.56 -23.01 14.56
CA ASP B 21 3.79 -23.49 13.96
C ASP B 21 3.93 -25.02 13.96
N THR B 22 3.24 -25.70 14.87
CA THR B 22 3.31 -27.16 14.89
C THR B 22 2.53 -27.77 13.75
N SER B 23 1.59 -27.03 13.18
CA SER B 23 0.77 -27.62 12.12
C SER B 23 0.81 -26.86 10.79
N ILE B 24 1.63 -25.82 10.68
CA ILE B 24 1.57 -24.95 9.51
C ILE B 24 2.04 -25.64 8.21
N GLU B 25 3.08 -26.47 8.30
CA GLU B 25 3.58 -27.19 7.12
C GLU B 25 2.50 -28.16 6.61
N LYS B 26 1.83 -28.82 7.54
CA LYS B 26 0.74 -29.72 7.17
C LYS B 26 -0.39 -28.93 6.52
N PHE B 27 -0.70 -27.77 7.09
CA PHE B 27 -1.75 -26.92 6.53
C PHE B 27 -1.47 -26.63 5.06
N PHE B 28 -0.24 -26.22 4.77
CA PHE B 28 0.09 -25.80 3.41
C PHE B 28 0.18 -27.02 2.46
N THR B 29 0.52 -28.16 3.01
CA THR B 29 0.53 -29.40 2.23
C THR B 29 -0.91 -29.72 1.79
N VAL B 30 -1.85 -29.61 2.73
CA VAL B 30 -3.27 -29.82 2.44
C VAL B 30 -3.79 -28.78 1.48
N PHE B 31 -3.41 -27.52 1.71
CA PHE B 31 -3.89 -26.43 0.90
C PHE B 31 -3.41 -26.63 -0.54
N SER B 32 -2.14 -26.98 -0.67
CA SER B 32 -1.54 -27.23 -1.98
C SER B 32 -2.23 -28.37 -2.73
N LYS B 33 -2.52 -29.45 -2.03
CA LYS B 33 -3.19 -30.57 -2.66
C LYS B 33 -4.58 -30.17 -3.14
N LYS B 34 -5.32 -29.39 -2.34
CA LYS B 34 -6.67 -29.01 -2.75
C LYS B 34 -6.62 -28.01 -3.90
N LEU B 35 -5.71 -27.07 -3.82
CA LEU B 35 -5.55 -26.09 -4.88
C LEU B 35 -5.17 -26.80 -6.19
N SER B 36 -4.35 -27.84 -6.09
CA SER B 36 -3.90 -28.55 -7.28
C SER B 36 -5.07 -29.27 -7.91
N GLY B 37 -5.93 -29.84 -7.07
CA GLY B 37 -7.10 -30.54 -7.56
C GLY B 37 -8.12 -29.59 -8.15
N LYS B 38 -8.14 -28.35 -7.65
CA LYS B 38 -9.03 -27.33 -8.21
C LYS B 38 -8.56 -26.83 -9.59
N LEU B 39 -7.25 -26.73 -9.78
CA LEU B 39 -6.71 -26.10 -10.97
C LEU B 39 -6.11 -27.07 -11.98
N ASN B 40 -6.18 -28.37 -11.70
CA ASN B 40 -5.66 -29.40 -12.59
C ASN B 40 -4.18 -29.21 -12.91
N LYS B 41 -3.44 -28.73 -11.93
CA LYS B 41 -2.02 -28.50 -12.09
C LYS B 41 -1.39 -28.78 -10.75
N LYS B 42 -0.17 -29.29 -10.75
CA LYS B 42 0.56 -29.55 -9.51
C LYS B 42 1.15 -28.23 -8.99
N ILE B 43 0.62 -27.76 -7.87
CA ILE B 43 1.03 -26.47 -7.33
C ILE B 43 1.51 -26.65 -5.91
N ASN B 44 2.67 -26.07 -5.57
CA ASN B 44 3.12 -26.07 -4.19
C ASN B 44 3.06 -24.68 -3.63
N VAL B 45 2.37 -24.55 -2.51
CA VAL B 45 2.24 -23.27 -1.84
C VAL B 45 3.23 -23.24 -0.69
N ASN B 46 4.12 -22.25 -0.75
CA ASN B 46 5.10 -22.01 0.30
C ASN B 46 4.68 -20.77 1.05
N PHE B 47 5.35 -20.46 2.15
CA PHE B 47 4.98 -19.27 2.92
C PHE B 47 6.19 -18.56 3.47
N ASN B 48 6.01 -17.25 3.71
CA ASN B 48 6.95 -16.44 4.47
C ASN B 48 6.20 -16.01 5.72
N ILE B 49 6.86 -16.07 6.87
CA ILE B 49 6.23 -15.63 8.10
C ILE B 49 6.36 -14.13 8.24
N VAL B 50 5.23 -13.44 8.22
CA VAL B 50 5.21 -11.99 8.27
C VAL B 50 4.06 -11.52 9.16
N ASP B 51 4.31 -10.57 10.06
CA ASP B 51 3.27 -10.18 11.01
C ASP B 51 2.55 -8.92 10.56
N ASP B 52 3.31 -8.02 9.97
CA ASP B 52 2.88 -6.63 9.74
C ASP B 52 2.07 -6.46 8.46
N SER B 53 0.87 -5.89 8.57
CA SER B 53 -0.02 -5.74 7.41
C SER B 53 0.58 -4.90 6.29
N PHE B 54 1.16 -3.75 6.62
CA PHE B 54 1.70 -2.88 5.58
C PHE B 54 2.77 -3.61 4.76
N THR B 55 3.62 -4.38 5.44
CA THR B 55 4.69 -5.13 4.77
C THR B 55 4.10 -6.21 3.87
N LYS B 56 3.05 -6.87 4.35
CA LYS B 56 2.40 -7.89 3.54
C LYS B 56 1.84 -7.26 2.27
N ILE B 57 1.19 -6.12 2.42
CA ILE B 57 0.61 -5.44 1.27
C ILE B 57 1.67 -4.98 0.27
N ASN B 58 2.75 -4.40 0.77
CA ASN B 58 3.85 -3.99 -0.11
C ASN B 58 4.53 -5.19 -0.79
N ASN B 59 4.57 -6.33 -0.09
CA ASN B 59 5.13 -7.54 -0.69
C ASN B 59 4.33 -7.96 -1.89
N ILE B 60 3.02 -8.01 -1.76
CA ILE B 60 2.20 -8.40 -2.89
C ILE B 60 2.32 -7.38 -4.04
N GLN B 61 2.24 -6.09 -3.73
CA GLN B 61 2.42 -5.05 -4.73
C GLN B 61 3.72 -5.19 -5.48
N ALA B 62 4.76 -5.62 -4.78
CA ALA B 62 6.10 -5.75 -5.35
C ALA B 62 6.37 -7.15 -5.95
N ASN B 63 5.31 -7.93 -6.13
CA ASN B 63 5.43 -9.28 -6.71
C ASN B 63 6.29 -10.24 -5.90
N LYS B 64 6.28 -10.08 -4.59
CA LYS B 64 7.07 -10.90 -3.68
C LYS B 64 6.19 -11.91 -2.94
N ALA B 65 4.87 -11.77 -3.10
CA ALA B 65 3.93 -12.68 -2.47
C ALA B 65 2.66 -12.67 -3.29
N ASP B 66 1.87 -13.74 -3.15
CA ASP B 66 0.64 -13.93 -3.95
C ASP B 66 -0.64 -13.77 -3.15
N PHE B 67 -0.54 -13.86 -1.82
CA PHE B 67 -1.73 -13.82 -0.97
C PHE B 67 -1.35 -13.52 0.47
N ALA B 68 -2.21 -12.77 1.16
CA ALA B 68 -1.99 -12.52 2.59
C ALA B 68 -3.27 -12.03 3.19
N PHE B 69 -3.40 -12.21 4.52
CA PHE B 69 -4.50 -11.68 5.28
C PHE B 69 -4.02 -10.36 5.91
N VAL B 70 -4.72 -9.25 5.70
CA VAL B 70 -4.24 -7.96 6.17
C VAL B 70 -5.35 -7.11 6.82
N ASN B 71 -4.95 -6.13 7.62
CA ASN B 71 -5.90 -5.22 8.26
C ASN B 71 -6.80 -4.57 7.22
N SER B 72 -8.10 -4.57 7.52
CA SER B 72 -9.09 -4.04 6.59
C SER B 72 -8.94 -2.53 6.32
N GLN B 73 -8.34 -1.79 7.24
CA GLN B 73 -8.20 -0.34 7.04
C GLN B 73 -6.93 0.01 6.25
N ALA B 74 -6.05 -0.97 6.04
CA ALA B 74 -4.77 -0.72 5.38
C ALA B 74 -4.80 -0.91 3.84
N ILE B 75 -5.97 -1.18 3.28
CA ILE B 75 -6.08 -1.47 1.85
C ILE B 75 -7.15 -0.67 1.15
N ALA B 76 -7.09 -0.68 -0.19
CA ALA B 76 -8.13 -0.10 -1.02
C ALA B 76 -8.42 -1.03 -2.19
N SER B 77 -9.56 -0.79 -2.84
CA SER B 77 -10.00 -1.58 -3.98
C SER B 77 -10.09 -0.64 -5.18
N ASN B 78 -9.19 -0.81 -6.13
CA ASN B 78 -9.26 -0.02 -7.36
C ASN B 78 -8.68 -0.86 -8.47
N ASN B 79 -8.68 -0.32 -9.70
CA ASN B 79 -8.30 -1.10 -10.85
C ASN B 79 -6.80 -1.12 -11.14
N TRP B 80 -6.02 -0.32 -10.42
CA TRP B 80 -4.59 -0.24 -10.71
C TRP B 80 -3.66 -0.92 -9.70
N PHE B 81 -4.09 -1.03 -8.45
CA PHE B 81 -3.29 -1.72 -7.44
C PHE B 81 -3.03 -3.15 -7.89
N GLY B 82 -1.93 -3.73 -7.43
CA GLY B 82 -1.52 -5.05 -7.86
C GLY B 82 -2.09 -6.16 -6.98
N TYR B 83 -3.04 -5.81 -6.13
CA TYR B 83 -3.77 -6.81 -5.34
C TYR B 83 -5.26 -6.51 -5.42
N THR B 84 -6.07 -7.53 -5.11
CA THR B 84 -7.51 -7.41 -5.11
C THR B 84 -8.02 -7.99 -3.80
N PRO B 85 -8.91 -7.27 -3.12
CA PRO B 85 -9.53 -7.85 -1.92
C PRO B 85 -10.40 -9.04 -2.32
N LEU B 86 -10.16 -10.19 -1.69
CA LEU B 86 -10.76 -11.44 -2.13
C LEU B 86 -11.75 -12.03 -1.11
N ILE B 87 -11.29 -12.22 0.12
CA ILE B 87 -12.16 -12.80 1.13
C ILE B 87 -12.12 -12.01 2.45
N GLN B 88 -13.29 -11.89 3.07
CA GLN B 88 -13.43 -11.35 4.43
C GLN B 88 -13.28 -12.48 5.45
N THR B 89 -12.30 -12.39 6.36
CA THR B 89 -12.23 -13.36 7.46
C THR B 89 -13.39 -13.07 8.40
N LEU B 90 -13.88 -14.13 9.03
CA LEU B 90 -14.97 -14.03 9.99
C LEU B 90 -14.41 -14.57 11.28
N THR B 91 -14.91 -14.06 12.41
CA THR B 91 -14.45 -14.49 13.72
C THR B 91 -15.67 -14.82 14.57
N THR B 92 -15.52 -15.76 15.49
CA THR B 92 -16.62 -16.12 16.37
C THR B 92 -16.99 -14.89 17.22
N ALA B 93 -18.28 -14.57 17.30
CA ALA B 93 -18.74 -13.41 18.06
C ALA B 93 -18.46 -13.56 19.55
N PHE B 94 -18.11 -12.44 20.21
CA PHE B 94 -18.11 -12.37 21.68
C PHE B 94 -19.55 -12.33 22.18
N LYS B 95 -19.82 -13.02 23.29
CA LYS B 95 -21.17 -13.06 23.85
C LYS B 95 -21.87 -11.69 23.95
N GLU B 96 -21.14 -10.65 24.32
CA GLU B 96 -21.82 -9.38 24.62
C GLU B 96 -21.77 -8.38 23.46
N ASP B 97 -21.33 -8.85 22.31
CA ASP B 97 -21.15 -7.99 21.15
C ASP B 97 -21.52 -8.77 19.91
N LEU B 98 -22.80 -9.12 19.79
CA LEU B 98 -23.26 -9.98 18.71
C LEU B 98 -23.48 -9.22 17.40
N GLU B 99 -23.58 -7.90 17.47
CA GLU B 99 -23.94 -7.13 16.29
C GLU B 99 -23.13 -5.84 16.17
N LEU B 100 -22.85 -5.45 14.93
CA LEU B 100 -22.05 -4.26 14.68
C LEU B 100 -22.86 -2.99 14.96
N ASP B 101 -22.25 -2.07 15.69
CA ASP B 101 -22.84 -0.76 15.94
C ASP B 101 -21.74 0.21 16.34
N TYR B 102 -22.13 1.47 16.54
CA TYR B 102 -21.17 2.58 16.65
C TYR B 102 -21.38 3.37 17.92
N TYR B 103 -20.44 4.27 18.19
CA TYR B 103 -20.52 5.11 19.38
C TYR B 103 -21.86 5.83 19.40
N GLU B 104 -22.31 6.28 18.24
CA GLU B 104 -23.56 7.04 18.16
C GLU B 104 -24.78 6.20 18.56
N ASP B 105 -24.65 4.88 18.55
CA ASP B 105 -25.76 4.02 18.94
C ASP B 105 -25.83 3.84 20.46
N GLY B 106 -24.79 4.30 21.15
CA GLY B 106 -24.82 4.39 22.61
C GLY B 106 -24.64 3.11 23.40
N ASN B 107 -24.10 2.07 22.79
CA ASN B 107 -23.96 0.78 23.48
C ASN B 107 -22.53 0.38 23.82
N LEU B 108 -21.56 1.19 23.44
CA LEU B 108 -20.16 0.80 23.59
C LEU B 108 -19.74 0.66 25.05
N GLN B 109 -20.31 1.49 25.92
CA GLN B 109 -20.01 1.38 27.34
C GLN B 109 -20.86 0.28 28.00
N LYS B 110 -22.13 0.18 27.61
CA LYS B 110 -23.03 -0.84 28.14
C LYS B 110 -22.48 -2.23 27.86
N LYS B 111 -21.94 -2.43 26.66
CA LYS B 111 -21.36 -3.72 26.26
C LYS B 111 -20.14 -4.04 27.12
N ALA B 112 -19.34 -3.03 27.43
CA ALA B 112 -18.21 -3.18 28.34
C ALA B 112 -18.67 -3.63 29.75
N GLU B 113 -19.78 -3.07 30.21
CA GLU B 113 -20.28 -3.37 31.56
C GLU B 113 -20.76 -4.81 31.64
N LYS B 114 -21.48 -5.25 30.62
CA LYS B 114 -21.94 -6.63 30.54
C LYS B 114 -20.75 -7.59 30.53
N THR B 115 -19.71 -7.23 29.78
CA THR B 115 -18.52 -8.09 29.66
C THR B 115 -17.78 -8.13 31.00
N ASN B 116 -17.76 -7.01 31.71
CA ASN B 116 -17.13 -6.98 33.03
C ASN B 116 -17.72 -8.03 33.96
N LEU B 117 -19.02 -8.30 33.83
CA LEU B 117 -19.67 -9.33 34.63
C LEU B 117 -19.12 -10.72 34.31
N LEU B 118 -18.80 -10.97 33.04
CA LEU B 118 -18.23 -12.24 32.63
C LEU B 118 -16.74 -12.32 32.98
N PHE B 119 -16.04 -11.23 32.77
CA PHE B 119 -14.59 -11.16 32.81
C PHE B 119 -14.04 -11.30 34.23
N LEU B 120 -14.82 -10.87 35.22
CA LEU B 120 -14.26 -10.61 36.54
C LEU B 120 -14.40 -11.71 37.59
N SER B 121 -15.32 -12.65 37.40
CA SER B 121 -15.51 -13.72 38.39
C SER B 121 -15.71 -15.08 37.74
N PRO B 122 -14.70 -15.97 37.86
CA PRO B 122 -13.47 -15.71 38.62
C PRO B 122 -12.55 -14.75 37.88
N PRO B 123 -11.57 -14.17 38.59
CA PRO B 123 -10.66 -13.25 37.90
C PRO B 123 -9.70 -14.01 37.00
N TYR B 124 -9.10 -13.30 36.04
CA TYR B 124 -8.29 -13.89 34.97
C TYR B 124 -7.16 -14.78 35.48
N LYS B 125 -6.51 -14.39 36.57
CA LYS B 125 -5.37 -15.17 37.06
C LYS B 125 -5.83 -16.53 37.57
N GLU B 126 -7.14 -16.65 37.80
CA GLU B 126 -7.71 -17.91 38.26
C GLU B 126 -8.21 -18.81 37.11
N TRP B 127 -8.26 -18.27 35.88
CA TRP B 127 -8.72 -19.07 34.75
C TRP B 127 -7.83 -20.29 34.55
N ASP B 128 -8.46 -21.43 34.33
CA ASP B 128 -7.73 -22.65 33.98
C ASP B 128 -8.34 -23.24 32.73
N ASP B 129 -7.59 -24.11 32.08
CA ASP B 129 -7.98 -24.58 30.76
C ASP B 129 -9.35 -25.27 30.78
N ILE B 130 -9.68 -25.95 31.87
CA ILE B 130 -10.89 -26.75 31.89
C ILE B 130 -12.13 -25.93 32.21
N LYS B 131 -12.12 -25.28 33.38
CA LYS B 131 -13.25 -24.46 33.82
C LYS B 131 -13.55 -23.29 32.88
N GLN B 132 -12.53 -22.78 32.20
CA GLN B 132 -12.76 -21.61 31.34
C GLN B 132 -12.72 -22.00 29.86
N LYS B 133 -12.65 -23.29 29.61
CA LYS B 133 -12.84 -23.83 28.25
C LYS B 133 -11.81 -23.30 27.26
N TRP B 134 -10.54 -23.34 27.64
CA TRP B 134 -9.48 -23.01 26.68
C TRP B 134 -9.49 -24.02 25.55
N THR B 135 -9.57 -23.53 24.30
CA THR B 135 -9.69 -24.40 23.14
C THR B 135 -8.33 -24.71 22.51
N GLY B 136 -7.28 -24.05 23.00
CA GLY B 136 -6.00 -24.09 22.33
C GLY B 136 -5.72 -22.72 21.73
N ASN B 137 -6.77 -21.99 21.41
CA ASN B 137 -6.63 -20.64 20.90
C ASN B 137 -7.38 -19.57 21.68
N ARG B 138 -8.38 -19.97 22.46
CA ARG B 138 -9.25 -19.01 23.15
C ARG B 138 -10.02 -19.63 24.33
N TYR B 139 -10.52 -18.79 25.23
CA TYR B 139 -11.39 -19.25 26.32
C TYR B 139 -12.82 -19.19 25.81
N ASP B 140 -13.40 -20.35 25.57
CA ASP B 140 -14.67 -20.44 24.84
C ASP B 140 -15.84 -19.78 25.57
N PHE B 141 -15.70 -19.56 26.88
CA PHE B 141 -16.83 -19.11 27.69
C PHE B 141 -17.21 -17.67 27.36
N LEU B 142 -16.32 -16.98 26.65
CA LEU B 142 -16.50 -15.58 26.30
C LEU B 142 -17.18 -15.41 24.93
N TYR B 143 -17.39 -16.52 24.23
CA TYR B 143 -17.86 -16.51 22.85
C TYR B 143 -19.23 -17.16 22.69
N GLU B 144 -19.93 -16.78 21.62
CA GLU B 144 -21.06 -17.55 21.15
C GLU B 144 -20.62 -18.38 19.92
N PRO B 145 -20.16 -19.62 20.15
CA PRO B 145 -19.55 -20.44 19.09
C PRO B 145 -20.43 -20.62 17.86
N SER B 146 -21.73 -20.34 17.99
CA SER B 146 -22.67 -20.53 16.90
C SER B 146 -22.80 -19.31 15.97
N LYS B 147 -22.12 -18.23 16.30
CA LYS B 147 -22.30 -16.99 15.54
C LYS B 147 -20.96 -16.44 15.05
N LEU B 148 -20.89 -16.15 13.76
CA LEU B 148 -19.70 -15.55 13.16
C LEU B 148 -20.02 -14.10 12.81
N VAL B 149 -19.07 -13.21 13.04
CA VAL B 149 -19.21 -11.82 12.61
C VAL B 149 -17.96 -11.40 11.87
N SER B 150 -18.02 -10.27 11.17
CA SER B 150 -16.90 -9.83 10.32
C SER B 150 -16.20 -8.59 10.88
N PHE B 151 -16.48 -8.25 12.14
CA PHE B 151 -15.92 -7.03 12.71
C PHE B 151 -15.25 -7.29 14.07
N TYR B 152 -14.47 -6.33 14.53
CA TYR B 152 -13.90 -6.34 15.87
C TYR B 152 -13.71 -4.89 16.31
N ARG B 153 -13.25 -4.67 17.53
CA ARG B 153 -13.09 -3.34 18.09
C ARG B 153 -11.85 -3.28 18.93
N SER B 154 -11.56 -2.07 19.40
CA SER B 154 -10.55 -1.81 20.39
C SER B 154 -11.30 -1.70 21.72
N MET B 155 -10.57 -1.78 22.83
CA MET B 155 -11.18 -1.56 24.13
C MET B 155 -10.23 -0.69 24.96
N ILE B 156 -10.79 -0.08 26.00
CA ILE B 156 -10.01 0.70 26.93
C ILE B 156 -10.12 0.03 28.31
N LEU B 157 -9.01 -0.51 28.78
CA LEU B 157 -8.95 -1.11 30.10
C LEU B 157 -8.61 -0.04 31.12
N ILE B 158 -9.16 -0.16 32.32
CA ILE B 158 -8.80 0.76 33.39
C ILE B 158 -8.49 -0.03 34.67
N THR B 159 -7.56 0.48 35.47
CA THR B 159 -7.18 -0.16 36.73
C THR B 159 -6.99 0.87 37.83
N GLY B 160 -6.94 0.40 39.08
CA GLY B 160 -6.66 1.25 40.21
C GLY B 160 -7.44 0.83 41.45
N SER B 161 -7.34 1.62 42.50
CA SER B 161 -8.15 1.44 43.70
C SER B 161 -9.61 1.63 43.33
N ALA B 162 -10.52 1.22 44.21
CA ALA B 162 -11.94 1.41 43.98
C ALA B 162 -12.28 2.88 43.74
N SER B 163 -11.58 3.77 44.46
CA SER B 163 -11.83 5.20 44.32
C SER B 163 -11.32 5.71 42.97
N GLU B 164 -10.14 5.26 42.58
CA GLU B 164 -9.56 5.68 41.31
C GLU B 164 -10.42 5.22 40.13
N ILE B 165 -10.91 3.99 40.19
CA ILE B 165 -11.82 3.45 39.18
C ILE B 165 -13.03 4.37 39.03
N THR B 166 -13.64 4.76 40.16
CA THR B 166 -14.82 5.60 40.09
C THR B 166 -14.47 6.99 39.53
N ALA B 167 -13.28 7.51 39.85
CA ALA B 167 -12.85 8.83 39.38
C ALA B 167 -12.58 8.82 37.87
N ILE B 168 -12.08 7.70 37.37
CA ILE B 168 -11.79 7.59 35.95
C ILE B 168 -13.10 7.60 35.19
N LYS B 169 -14.04 6.78 35.65
CA LYS B 169 -15.34 6.69 35.02
C LYS B 169 -16.03 8.04 35.05
N LYS B 170 -15.97 8.73 36.18
CA LYS B 170 -16.54 10.07 36.31
C LYS B 170 -15.97 11.02 35.24
N ALA B 171 -14.66 11.03 35.09
CA ALA B 171 -13.99 11.91 34.15
C ALA B 171 -14.40 11.56 32.71
N TRP B 172 -14.66 10.28 32.48
CA TRP B 172 -15.16 9.83 31.19
C TRP B 172 -16.62 10.25 30.97
N ASN B 173 -17.48 9.92 31.94
CA ASN B 173 -18.90 10.21 31.81
C ASN B 173 -19.17 11.70 31.70
N GLU B 174 -18.34 12.50 32.35
CA GLU B 174 -18.50 13.95 32.31
C GLU B 174 -17.73 14.55 31.12
N LYS B 175 -17.04 13.70 30.37
CA LYS B 175 -16.35 14.14 29.16
C LYS B 175 -15.26 15.16 29.44
N ASN B 176 -14.65 15.03 30.62
CA ASN B 176 -13.55 15.89 30.99
C ASN B 176 -12.22 15.26 30.56
N TRP B 177 -11.69 15.71 29.43
CA TRP B 177 -10.51 15.11 28.85
C TRP B 177 -9.27 15.36 29.70
N ASN B 178 -9.16 16.57 30.24
CA ASN B 178 -7.99 16.97 31.01
CA ASN B 178 -7.99 16.97 31.01
C ASN B 178 -7.85 16.14 32.29
N GLN B 179 -8.97 15.85 32.93
CA GLN B 179 -9.01 15.05 34.15
C GLN B 179 -8.76 13.57 33.82
N PHE B 180 -9.39 13.12 32.74
CA PHE B 180 -9.28 11.74 32.28
C PHE B 180 -7.83 11.37 31.97
N MET B 181 -7.17 12.17 31.14
CA MET B 181 -5.84 11.85 30.67
C MET B 181 -4.79 11.86 31.78
N LYS B 182 -5.10 12.52 32.90
CA LYS B 182 -4.13 12.64 33.97
C LYS B 182 -3.89 11.32 34.71
N PHE B 183 -4.79 10.35 34.52
CA PHE B 183 -4.64 9.05 35.14
C PHE B 183 -3.57 8.19 34.46
N GLY B 184 -3.06 8.66 33.33
CA GLY B 184 -1.99 7.96 32.63
C GLY B 184 -2.52 6.99 31.57
N ILE B 185 -2.06 7.16 30.34
CA ILE B 185 -2.60 6.41 29.19
C ILE B 185 -1.53 5.59 28.48
N GLY B 186 -1.78 4.29 28.35
CA GLY B 186 -0.89 3.38 27.67
C GLY B 186 -1.43 3.06 26.29
N HIS B 187 -0.54 3.11 25.29
CA HIS B 187 -0.95 2.99 23.91
C HIS B 187 0.07 2.15 23.16
N GLY B 188 0.01 2.21 21.83
CA GLY B 188 0.89 1.46 20.96
C GLY B 188 1.51 2.37 19.93
N GLN B 189 1.90 1.81 18.79
CA GLN B 189 2.52 2.60 17.73
C GLN B 189 1.44 3.39 16.98
N THR B 190 1.84 4.51 16.39
CA THR B 190 0.89 5.48 15.84
C THR B 190 -0.02 4.88 14.78
N ASN B 191 0.46 3.86 14.07
CA ASN B 191 -0.32 3.24 13.01
C ASN B 191 -1.16 2.05 13.49
N SER B 192 -1.06 1.70 14.77
CA SER B 192 -1.88 0.63 15.33
C SER B 192 -3.35 1.02 15.46
N ALA B 193 -4.23 0.27 14.80
CA ALA B 193 -5.65 0.54 14.92
C ALA B 193 -6.13 0.40 16.38
N SER B 194 -5.89 -0.75 17.00
CA SER B 194 -6.39 -0.99 18.36
C SER B 194 -5.65 -0.23 19.46
N ARG B 195 -4.38 0.07 19.26
CA ARG B 195 -3.56 0.65 20.33
C ARG B 195 -3.33 2.16 20.18
N PHE B 196 -3.91 2.75 19.15
CA PHE B 196 -3.73 4.19 18.92
C PHE B 196 -4.89 4.84 18.16
N GLU B 197 -5.16 4.37 16.95
CA GLU B 197 -6.06 5.07 16.03
C GLU B 197 -7.54 4.97 16.43
N LEU B 198 -8.00 3.79 16.82
CA LEU B 198 -9.40 3.66 17.22
C LEU B 198 -9.68 4.42 18.53
N PRO B 199 -8.77 4.35 19.50
CA PRO B 199 -9.01 5.15 20.72
C PRO B 199 -9.01 6.64 20.43
N ASP B 200 -8.07 7.08 19.60
CA ASP B 200 -7.99 8.47 19.18
C ASP B 200 -9.33 8.93 18.58
N LEU B 201 -9.88 8.11 17.68
CA LEU B 201 -11.12 8.46 16.98
C LEU B 201 -12.31 8.43 17.91
N LEU B 202 -12.31 7.48 18.84
CA LEU B 202 -13.35 7.40 19.87
C LEU B 202 -13.34 8.68 20.74
N PHE B 203 -12.13 9.11 21.10
CA PHE B 203 -11.94 10.32 21.90
C PHE B 203 -12.52 11.55 21.17
N ARG B 204 -12.30 11.67 19.87
CA ARG B 204 -12.85 12.79 19.11
CA ARG B 204 -12.85 12.79 19.11
C ARG B 204 -14.36 12.83 19.23
N LYS B 205 -15.00 11.68 19.08
CA LYS B 205 -16.46 11.61 19.14
C LYS B 205 -16.98 11.87 20.54
N HIS B 206 -16.22 11.44 21.55
CA HIS B 206 -16.71 11.47 22.92
C HIS B 206 -16.41 12.79 23.61
N PHE B 207 -15.14 13.18 23.62
CA PHE B 207 -14.68 14.41 24.26
C PHE B 207 -14.87 15.64 23.36
N ALA B 208 -14.79 15.44 22.06
CA ALA B 208 -15.02 16.52 21.09
C ALA B 208 -14.22 17.81 21.37
N LYS B 209 -14.89 18.88 21.75
CA LYS B 209 -14.29 20.22 21.73
C LYS B 209 -12.98 20.34 22.50
N ASN B 210 -12.90 19.77 23.69
CA ASN B 210 -11.72 19.93 24.53
C ASN B 210 -10.63 18.88 24.26
N TYR B 211 -10.81 18.10 23.21
CA TYR B 211 -9.85 17.06 22.85
C TYR B 211 -8.97 17.54 21.70
N PRO B 212 -7.64 17.59 21.91
CA PRO B 212 -6.67 18.09 20.92
C PRO B 212 -6.22 17.06 19.88
N GLY B 213 -6.51 15.78 20.11
CA GLY B 213 -5.95 14.73 19.30
C GLY B 213 -4.93 14.00 20.15
N LEU B 214 -4.78 12.71 19.93
CA LEU B 214 -3.95 11.89 20.81
C LEU B 214 -2.48 12.26 20.68
N GLN B 215 -2.01 12.48 19.46
CA GLN B 215 -0.59 12.74 19.26
C GLN B 215 -0.21 14.06 19.94
N ASN B 216 -0.99 15.11 19.68
CA ASN B 216 -0.75 16.40 20.28
C ASN B 216 -0.75 16.35 21.80
N ALA B 217 -1.65 15.53 22.36
CA ALA B 217 -1.75 15.39 23.81
C ALA B 217 -0.47 14.77 24.37
N ILE B 218 0.05 13.75 23.67
CA ILE B 218 1.30 13.10 24.05
C ILE B 218 2.47 14.09 23.99
N ASN B 219 2.50 14.89 22.94
CA ASN B 219 3.52 15.92 22.78
C ASN B 219 3.55 16.88 23.95
N SER B 220 2.37 17.33 24.38
CA SER B 220 2.25 18.39 25.37
C SER B 220 2.41 17.88 26.79
N ASP B 221 2.23 16.57 26.97
CA ASP B 221 2.34 15.98 28.30
C ASP B 221 2.89 14.57 28.23
N PRO B 222 4.11 14.42 27.68
CA PRO B 222 4.69 13.09 27.43
C PRO B 222 4.70 12.17 28.65
N ASP B 223 4.80 12.74 29.84
CA ASP B 223 4.93 11.93 31.05
C ASP B 223 3.64 11.21 31.42
N LYS B 224 2.53 11.66 30.86
CA LYS B 224 1.23 11.04 31.13
C LYS B 224 0.86 10.02 30.06
N PHE B 225 1.84 9.62 29.25
CA PHE B 225 1.62 8.57 28.25
C PHE B 225 2.83 7.65 28.20
N ALA B 226 2.60 6.42 27.78
CA ALA B 226 3.66 5.43 27.67
C ALA B 226 3.17 4.29 26.79
N VAL B 227 4.10 3.55 26.21
CA VAL B 227 3.73 2.33 25.51
C VAL B 227 3.52 1.23 26.54
N VAL B 228 2.31 0.71 26.59
CA VAL B 228 1.95 -0.35 27.52
C VAL B 228 1.00 -1.30 26.82
N ARG B 229 1.19 -2.59 27.04
CA ARG B 229 0.28 -3.59 26.48
C ARG B 229 -0.84 -3.85 27.47
N GLY B 230 -2.05 -4.01 26.95
CA GLY B 230 -3.20 -4.35 27.77
C GLY B 230 -2.92 -5.44 28.79
N ARG B 231 -2.27 -6.52 28.36
CA ARG B 231 -1.99 -7.66 29.23
C ARG B 231 -1.06 -7.27 30.41
N GLU B 232 -0.29 -6.22 30.20
CA GLU B 232 0.65 -5.69 31.21
C GLU B 232 0.07 -4.58 32.11
N ILE B 233 -1.21 -4.26 31.96
CA ILE B 233 -1.78 -3.13 32.70
C ILE B 233 -1.59 -3.33 34.21
N GLY B 234 -1.30 -2.24 34.92
CA GLY B 234 -1.15 -2.28 36.37
C GLY B 234 0.30 -2.37 36.81
N ILE B 235 1.17 -2.77 35.89
CA ILE B 235 2.59 -2.93 36.19
C ILE B 235 3.28 -1.57 36.28
N ASN B 236 2.88 -0.64 35.41
CA ASN B 236 3.31 0.74 35.52
C ASN B 236 2.30 1.51 36.36
N LYS B 237 2.70 1.89 37.56
CA LYS B 237 1.80 2.51 38.53
C LYS B 237 1.30 3.89 38.06
N ASN B 238 1.98 4.47 37.07
CA ASN B 238 1.64 5.79 36.56
C ASN B 238 0.68 5.77 35.38
N ILE B 239 0.31 4.57 34.93
CA ILE B 239 -0.55 4.42 33.78
C ILE B 239 -1.76 3.57 34.16
N LYS B 240 -2.93 4.18 34.18
CA LYS B 240 -4.13 3.49 34.64
C LYS B 240 -5.14 3.21 33.54
N ILE B 241 -4.86 3.70 32.34
CA ILE B 241 -5.73 3.52 31.20
C ILE B 241 -4.91 2.94 30.05
N VAL B 242 -5.31 1.80 29.50
CA VAL B 242 -4.52 1.19 28.42
C VAL B 242 -5.39 0.73 27.24
N PHE B 243 -4.89 0.92 26.03
CA PHE B 243 -5.62 0.55 24.82
C PHE B 243 -5.22 -0.85 24.40
N ASP B 244 -6.15 -1.64 23.87
CA ASP B 244 -5.83 -2.98 23.40
C ASP B 244 -6.92 -3.47 22.45
N ASP B 245 -6.66 -4.55 21.73
CA ASP B 245 -7.72 -5.22 20.99
C ASP B 245 -8.82 -5.64 21.96
N ALA B 246 -10.07 -5.53 21.54
CA ALA B 246 -11.19 -5.83 22.44
C ALA B 246 -11.07 -7.26 22.97
N ASN B 247 -11.18 -7.40 24.30
CA ASN B 247 -11.18 -8.70 24.95
C ASN B 247 -9.97 -9.57 24.63
N SER B 248 -8.79 -8.96 24.57
CA SER B 248 -7.58 -9.71 24.22
C SER B 248 -7.27 -10.82 25.22
N PHE B 249 -7.77 -10.69 26.46
CA PHE B 249 -7.60 -11.75 27.46
C PHE B 249 -8.27 -13.05 27.00
N SER B 250 -9.26 -12.93 26.12
CA SER B 250 -9.95 -14.10 25.55
C SER B 250 -9.04 -15.05 24.80
N TRP B 251 -7.99 -14.51 24.17
CA TRP B 251 -7.09 -15.37 23.40
C TRP B 251 -5.67 -15.35 23.97
N THR B 252 -5.52 -14.90 25.21
CA THR B 252 -4.22 -14.85 25.86
C THR B 252 -4.24 -15.80 27.04
N GLN B 253 -3.66 -16.99 26.84
CA GLN B 253 -3.78 -18.06 27.81
C GLN B 253 -3.15 -17.70 29.15
N ASN B 254 -3.89 -17.95 30.22
CA ASN B 254 -3.37 -17.87 31.58
C ASN B 254 -2.63 -19.16 31.96
N ILE B 255 -1.33 -19.03 32.20
CA ILE B 255 -0.51 -20.16 32.56
C ILE B 255 0.19 -19.87 33.88
N LYS B 256 -0.28 -20.53 34.94
CA LYS B 256 0.18 -20.27 36.31
C LYS B 256 1.69 -20.08 36.39
N LYS B 259 6.76 -13.53 35.58
CA LYS B 259 5.99 -14.66 36.06
C LYS B 259 4.72 -14.23 36.78
N ARG B 260 4.53 -12.92 36.94
CA ARG B 260 3.27 -12.41 37.51
C ARG B 260 2.19 -12.42 36.43
N PRO B 261 0.93 -12.68 36.83
CA PRO B 261 -0.14 -12.98 35.89
C PRO B 261 -0.55 -11.79 35.04
N PHE B 262 -1.04 -12.03 33.83
CA PHE B 262 -1.52 -10.96 32.97
C PHE B 262 -2.85 -10.44 33.48
N TYR B 263 -3.20 -9.23 33.05
CA TYR B 263 -4.50 -8.63 33.35
C TYR B 263 -4.79 -8.70 34.86
N THR B 264 -3.77 -8.45 35.66
CA THR B 264 -3.89 -8.58 37.11
C THR B 264 -3.09 -7.46 37.77
N PRO B 265 -3.80 -6.54 38.44
CA PRO B 265 -3.09 -5.44 39.09
C PRO B 265 -2.28 -5.97 40.26
N ILE B 266 -1.27 -5.23 40.69
CA ILE B 266 -0.39 -5.68 41.76
C ILE B 266 -1.10 -5.74 43.11
N ASP B 267 -1.73 -4.63 43.50
CA ASP B 267 -2.48 -4.57 44.76
C ASP B 267 -3.71 -5.47 44.68
N PRO B 268 -3.82 -6.44 45.60
CA PRO B 268 -4.92 -7.41 45.53
C PRO B 268 -6.30 -6.81 45.82
N ASN B 269 -6.34 -5.53 46.17
CA ASN B 269 -7.61 -4.85 46.38
C ASN B 269 -7.93 -3.92 45.22
N ASP B 270 -6.96 -3.73 44.34
CA ASP B 270 -7.19 -2.95 43.13
C ASP B 270 -8.08 -3.73 42.17
N ARG B 271 -8.72 -3.00 41.27
CA ARG B 271 -9.66 -3.60 40.35
C ARG B 271 -9.22 -3.36 38.92
N LEU B 272 -9.67 -4.21 38.02
CA LEU B 272 -9.40 -4.07 36.60
C LEU B 272 -10.72 -4.25 35.88
N GLU B 273 -11.05 -3.35 34.96
CA GLU B 273 -12.23 -3.57 34.14
C GLU B 273 -12.19 -2.80 32.84
N ILE B 274 -13.10 -3.17 31.96
CA ILE B 274 -13.23 -2.48 30.68
C ILE B 274 -14.12 -1.26 30.89
N LEU B 275 -13.64 -0.11 30.45
CA LEU B 275 -14.41 1.12 30.52
C LEU B 275 -15.41 1.19 29.35
N THR B 276 -14.91 0.93 28.15
CA THR B 276 -15.73 1.02 26.94
C THR B 276 -15.03 0.35 25.76
N TYR B 277 -15.80 -0.03 24.74
CA TYR B 277 -15.21 -0.48 23.49
C TYR B 277 -15.15 0.70 22.53
N SER B 278 -14.54 0.46 21.37
CA SER B 278 -14.45 1.51 20.36
C SER B 278 -15.42 1.22 19.23
N ASP B 279 -15.37 2.08 18.22
CA ASP B 279 -16.08 1.80 16.99
C ASP B 279 -15.41 0.62 16.31
N PRO B 280 -16.12 -0.01 15.37
CA PRO B 280 -15.68 -1.27 14.75
C PRO B 280 -14.81 -1.10 13.50
N LEU B 281 -13.95 -2.10 13.25
CA LEU B 281 -13.31 -2.30 11.96
C LEU B 281 -13.66 -3.70 11.45
N LEU B 282 -13.58 -3.91 10.14
CA LEU B 282 -13.69 -5.26 9.60
C LEU B 282 -12.48 -6.08 10.04
N TYR B 283 -12.72 -7.37 10.33
CA TYR B 283 -11.65 -8.31 10.58
C TYR B 283 -10.79 -8.37 9.32
N ASP B 284 -9.65 -9.02 9.43
CA ASP B 284 -8.68 -9.04 8.34
C ASP B 284 -9.27 -9.54 7.04
N ILE B 285 -8.68 -9.08 5.95
CA ILE B 285 -9.14 -9.40 4.61
C ILE B 285 -8.00 -10.04 3.85
N GLY B 286 -8.31 -11.16 3.20
CA GLY B 286 -7.34 -11.83 2.37
C GLY B 286 -7.31 -11.14 1.01
N ILE B 287 -6.14 -10.61 0.65
CA ILE B 287 -5.94 -9.98 -0.65
C ILE B 287 -5.02 -10.85 -1.49
N VAL B 288 -5.24 -10.84 -2.80
CA VAL B 288 -4.54 -11.75 -3.68
C VAL B 288 -3.88 -10.97 -4.81
N SER B 289 -2.75 -11.44 -5.28
CA SER B 289 -2.04 -10.77 -6.35
C SER B 289 -2.85 -10.76 -7.62
N ASN B 290 -2.80 -9.64 -8.32
CA ASN B 290 -3.37 -9.52 -9.65
C ASN B 290 -2.55 -10.12 -10.79
N ASN B 291 -1.34 -10.59 -10.49
CA ASN B 291 -0.57 -11.33 -11.50
C ASN B 291 -1.25 -12.66 -11.80
N LEU B 292 -1.97 -13.20 -10.82
CA LEU B 292 -2.67 -14.47 -11.00
C LEU B 292 -3.92 -14.27 -11.85
N SER B 293 -4.26 -15.27 -12.68
CA SER B 293 -5.50 -15.20 -13.44
C SER B 293 -6.69 -15.13 -12.46
N ARG B 294 -7.81 -14.60 -12.94
CA ARG B 294 -9.00 -14.54 -12.12
C ARG B 294 -9.42 -15.94 -11.70
N ILE B 295 -9.20 -16.95 -12.54
CA ILE B 295 -9.47 -18.33 -12.15
C ILE B 295 -8.66 -18.75 -10.93
N TYR B 296 -7.37 -18.46 -10.94
CA TYR B 296 -6.52 -18.78 -9.80
C TYR B 296 -6.93 -17.98 -8.56
N GLN B 297 -7.19 -16.70 -8.75
CA GLN B 297 -7.55 -15.87 -7.60
C GLN B 297 -8.76 -16.45 -6.86
N LYS B 298 -9.84 -16.72 -7.59
CA LYS B 298 -11.05 -17.26 -6.98
C LYS B 298 -10.81 -18.61 -6.34
N ALA B 299 -9.95 -19.42 -6.97
CA ALA B 299 -9.69 -20.75 -6.44
C ALA B 299 -9.03 -20.67 -5.06
N ILE B 300 -8.08 -19.76 -4.92
CA ILE B 300 -7.42 -19.59 -3.61
C ILE B 300 -8.44 -19.23 -2.54
N GLY B 301 -9.34 -18.31 -2.87
CA GLY B 301 -10.39 -17.93 -1.94
C GLY B 301 -11.27 -19.11 -1.60
N GLU B 302 -11.69 -19.86 -2.62
CA GLU B 302 -12.61 -20.98 -2.45
C GLU B 302 -12.04 -22.04 -1.50
N ILE B 303 -10.73 -22.25 -1.52
CA ILE B 303 -10.14 -23.27 -0.66
C ILE B 303 -10.25 -22.91 0.80
N PHE B 304 -9.91 -21.68 1.16
CA PHE B 304 -10.09 -21.23 2.54
C PHE B 304 -11.55 -21.45 2.93
N ILE B 305 -12.47 -20.97 2.11
CA ILE B 305 -13.89 -21.11 2.42
C ILE B 305 -14.29 -22.57 2.62
N GLU B 306 -13.80 -23.43 1.73
CA GLU B 306 -14.13 -24.86 1.79
C GLU B 306 -13.57 -25.54 3.04
N LEU B 307 -12.33 -25.18 3.41
CA LEU B 307 -11.71 -25.76 4.61
C LEU B 307 -12.50 -25.39 5.87
N ALA B 308 -12.84 -24.13 6.02
CA ALA B 308 -13.66 -23.71 7.16
C ALA B 308 -15.02 -24.40 7.10
N GLN B 309 -15.57 -24.57 5.91
CA GLN B 309 -16.88 -25.18 5.78
C GLN B 309 -16.87 -26.63 6.29
N SER B 310 -15.78 -27.35 6.04
CA SER B 310 -15.67 -28.73 6.48
C SER B 310 -14.92 -28.87 7.80
N SER B 311 -14.70 -27.76 8.49
CA SER B 311 -14.00 -27.79 9.77
C SER B 311 -12.64 -28.47 9.60
N GLU B 312 -12.02 -28.24 8.46
CA GLU B 312 -10.70 -28.78 8.18
C GLU B 312 -9.63 -27.69 8.15
N ASP B 313 -9.99 -26.48 8.57
CA ASP B 313 -9.04 -25.38 8.55
C ASP B 313 -8.13 -25.41 9.77
N LEU B 314 -6.92 -25.94 9.57
CA LEU B 314 -5.95 -26.10 10.65
C LEU B 314 -5.35 -24.77 11.09
N TYR B 315 -5.52 -23.74 10.28
CA TYR B 315 -4.83 -22.48 10.50
C TYR B 315 -5.70 -21.35 11.06
N GLY B 316 -6.77 -21.01 10.34
CA GLY B 316 -7.65 -19.93 10.73
C GLY B 316 -7.79 -19.73 12.23
N PRO B 317 -8.33 -20.73 12.94
CA PRO B 317 -8.65 -20.56 14.36
C PRO B 317 -7.49 -20.11 15.24
N SER B 318 -6.26 -20.37 14.83
CA SER B 318 -5.07 -19.99 15.61
C SER B 318 -4.91 -18.49 15.69
N ILE B 319 -5.59 -17.75 14.80
CA ILE B 319 -5.42 -16.32 14.77
C ILE B 319 -6.80 -15.64 14.69
N GLY B 320 -7.83 -16.40 15.07
CA GLY B 320 -9.17 -15.83 15.18
C GLY B 320 -9.97 -15.82 13.89
N TYR B 321 -9.50 -16.48 12.84
CA TYR B 321 -10.30 -16.58 11.62
C TYR B 321 -11.11 -17.86 11.72
N ASN B 322 -12.36 -17.75 12.18
CA ASN B 322 -13.21 -18.91 12.33
C ASN B 322 -14.11 -19.17 11.14
N GLY B 323 -14.02 -18.31 10.12
CA GLY B 323 -14.74 -18.48 8.89
C GLY B 323 -14.18 -17.56 7.81
N TYR B 324 -14.74 -17.64 6.61
CA TYR B 324 -14.36 -16.76 5.50
C TYR B 324 -15.55 -16.59 4.58
N LYS B 325 -15.62 -15.45 3.91
CA LYS B 325 -16.63 -15.28 2.87
C LYS B 325 -16.04 -14.44 1.76
N MET B 326 -16.59 -14.59 0.56
CA MET B 326 -16.13 -13.86 -0.60
C MET B 326 -16.57 -12.41 -0.44
N ILE B 327 -15.71 -11.48 -0.82
CA ILE B 327 -16.08 -10.06 -0.85
C ILE B 327 -16.78 -9.82 -2.17
N ASN B 328 -17.99 -9.27 -2.12
CA ASN B 328 -18.73 -8.98 -3.33
C ASN B 328 -18.81 -7.48 -3.63
N ASP B 329 -19.00 -6.67 -2.59
CA ASP B 329 -19.04 -5.22 -2.76
C ASP B 329 -18.16 -4.57 -1.72
N PHE B 330 -16.91 -4.30 -2.10
CA PHE B 330 -15.94 -3.77 -1.16
C PHE B 330 -16.40 -2.42 -0.59
N GLU B 331 -16.95 -1.56 -1.44
CA GLU B 331 -17.36 -0.24 -0.99
C GLU B 331 -18.38 -0.32 0.14
N LYS B 332 -19.39 -1.15 -0.07
CA LYS B 332 -20.48 -1.30 0.90
C LYS B 332 -20.09 -2.13 2.12
N GLU B 333 -19.30 -3.17 1.91
CA GLU B 333 -19.05 -4.17 2.94
C GLU B 333 -17.87 -3.79 3.81
N VAL B 334 -17.03 -2.89 3.30
CA VAL B 334 -15.80 -2.52 3.99
C VAL B 334 -15.62 -1.01 4.14
N VAL B 335 -15.56 -0.28 3.03
CA VAL B 335 -15.27 1.16 3.10
C VAL B 335 -16.26 1.96 3.95
N GLU B 336 -17.56 1.72 3.78
CA GLU B 336 -18.57 2.55 4.43
C GLU B 336 -18.61 2.33 5.95
N ILE B 337 -18.20 1.14 6.39
CA ILE B 337 -18.11 0.86 7.81
C ILE B 337 -16.95 1.66 8.42
N ILE B 338 -15.78 1.57 7.79
CA ILE B 338 -14.59 2.25 8.29
C ILE B 338 -14.77 3.77 8.28
N GLU B 339 -15.43 4.29 7.26
CA GLU B 339 -15.73 5.72 7.20
C GLU B 339 -16.64 6.12 8.33
N LYS B 340 -17.68 5.33 8.58
CA LYS B 340 -18.58 5.60 9.68
C LYS B 340 -17.80 5.62 11.00
N THR B 341 -16.77 4.79 11.07
CA THR B 341 -15.96 4.68 12.29
C THR B 341 -14.99 5.86 12.42
N TYR B 342 -14.51 6.36 11.29
CA TYR B 342 -13.59 7.50 11.29
C TYR B 342 -14.35 8.79 11.70
N GLY B 343 -15.56 8.95 11.20
CA GLY B 343 -16.41 10.08 11.55
C GLY B 343 -16.01 11.36 10.83
#